data_3WLL
#
_entry.id   3WLL
#
_cell.length_a   100.268
_cell.length_b   100.268
_cell.length_c   181.695
_cell.angle_alpha   90.00
_cell.angle_beta   90.00
_cell.angle_gamma   90.00
#
_symmetry.space_group_name_H-M   'P 43 21 2'
#
loop_
_entity.id
_entity.type
_entity.pdbx_description
1 polymer 'Beta-D-glucan exohydrolase isoenzyme ExoI'
2 branched beta-D-mannopyranose-(1-4)-2-acetamido-2-deoxy-beta-D-glucopyranose-(1-4)-2-acetamido-2-deoxy-beta-D-glucopyranose
3 branched 2-acetamido-2-deoxy-beta-D-glucopyranose-(1-2)-alpha-D-mannopyranose-(1-6)-[beta-D-xylopyranose-(1-2)]beta-D-mannopyranose-(1-4)-2-acetamido-2-deoxy-beta-D-glucopyranose-(1-4)-[alpha-L-fucopyranose-(1-3)]2-acetamido-2-deoxy-beta-D-glucopyranose
4 branched beta-D-xylopyranose-(1-2)-beta-D-mannopyranose-(1-4)-2-acetamido-2-deoxy-beta-D-glucopyranose-(1-4)-[alpha-L-fucopyranose-(1-3)]2-acetamido-2-deoxy-beta-D-glucopyranose
5 non-polymer 'TRIETHYLENE GLYCOL'
6 non-polymer 1,2-ETHANEDIOL
7 non-polymer DI(HYDROXYETHYL)ETHER
8 non-polymer 'TETRAETHYLENE GLYCOL'
9 water water
#
_entity_poly.entity_id   1
_entity_poly.type   'polypeptide(L)'
_entity_poly.pdbx_seq_one_letter_code
;DYVLYKDATKPVEDRVADLLGRMTLAEKIGQMTQIERLVATPDVLRDNFIGSLLSGGGSVPRKGATAKEWQDMVDGFQKA
CMSTRLGIPMIYGIDAVHGQNNVYGATIFPHNVGLGATRDPYLVKRIGEATALEVRATGIQYAFAPCIAVCRDPRWGRCY
ESYSEDRRIVQSMTELIPGLQGDVPKDFTSGMPFVAGKNKVAACAKHFVGDGGTVDGINENNTIINREGLMNIHMPAYKN
AMDKGVSTVMISYSSWNGVKMHANQDLVTGYLKDTLKFKGFVISDWEGIDRITTPAGSDYSYSVKASILAGLDMIMVPNK
YQQFISILTGHVNGGVIPMSRIDDAVTRILRVKFTMGLFENPYADPAMAEQLGKQEHRDLAREAARKSLVLLKNGKTSTD
APLLPLPKKAPKILVAGSHADNLGYQCGGWTIEWQGDTGRTTVGTTILEAVKAAVDPSTVVVFAENPDAEFVKSGGFSYA
IVAVGEHPYTETKGDNLNLTIPEPGLSTVQAVCGGVRCATVLISGRPVVVQPLLAASDALVAAWLPGSEGQGVTDALFGD
FGFTGRLPRTWFKSVDQLPMNVGDAHYDPLFRLGYGLTTNATKKY
;
_entity_poly.pdbx_strand_id   A
#
loop_
_chem_comp.id
_chem_comp.type
_chem_comp.name
_chem_comp.formula
BMA D-saccharide, beta linking beta-D-mannopyranose 'C6 H12 O6'
EDO non-polymer 1,2-ETHANEDIOL 'C2 H6 O2'
FUC L-saccharide, alpha linking alpha-L-fucopyranose 'C6 H12 O5'
MAN D-saccharide, alpha linking alpha-D-mannopyranose 'C6 H12 O6'
NAG D-saccharide, beta linking 2-acetamido-2-deoxy-beta-D-glucopyranose 'C8 H15 N O6'
PEG non-polymer DI(HYDROXYETHYL)ETHER 'C4 H10 O3'
PG4 non-polymer 'TETRAETHYLENE GLYCOL' 'C8 H18 O5'
PGE non-polymer 'TRIETHYLENE GLYCOL' 'C6 H14 O4'
XYP D-saccharide, beta linking beta-D-xylopyranose 'C5 H10 O5'
#
# COMPACT_ATOMS: atom_id res chain seq x y z
N ASP A 1 30.83 32.84 9.89
CA ASP A 1 29.54 33.25 10.49
C ASP A 1 28.78 32.04 11.02
N TYR A 2 28.01 32.25 12.09
CA TYR A 2 27.07 31.24 12.59
C TYR A 2 26.00 31.00 11.55
N VAL A 3 25.70 29.73 11.30
CA VAL A 3 24.73 29.32 10.28
C VAL A 3 23.50 28.69 10.97
N LEU A 4 22.42 29.45 11.03
CA LEU A 4 21.24 29.04 11.80
C LEU A 4 20.63 27.70 11.38
N TYR A 5 20.49 27.44 10.09
CA TYR A 5 19.83 26.20 9.65
C TYR A 5 20.54 24.93 10.09
N LYS A 6 21.83 25.05 10.38
CA LYS A 6 22.64 23.90 10.83
C LYS A 6 22.50 23.64 12.34
N ASP A 7 21.85 24.57 13.04
CA ASP A 7 21.71 24.51 14.48
C ASP A 7 20.48 23.69 14.90
N ALA A 8 20.73 22.48 15.41
CA ALA A 8 19.67 21.55 15.80
C ALA A 8 18.81 22.03 16.97
N THR A 9 19.27 23.05 17.69
CA THR A 9 18.52 23.61 18.82
C THR A 9 17.48 24.68 18.41
N LYS A 10 17.46 25.03 17.11
CA LYS A 10 16.56 26.07 16.62
C LYS A 10 15.23 25.50 16.12
N PRO A 11 14.15 26.29 16.23
CA PRO A 11 12.84 25.82 15.74
C PRO A 11 12.84 25.58 14.23
N VAL A 12 12.06 24.59 13.81
CA VAL A 12 11.96 24.21 12.39
C VAL A 12 11.74 25.41 11.47
N GLU A 13 10.73 26.25 11.77
CA GLU A 13 10.43 27.39 10.90
C GLU A 13 11.62 28.34 10.71
N ASP A 14 12.35 28.60 11.79
CA ASP A 14 13.57 29.40 11.73
C ASP A 14 14.64 28.77 10.85
N ARG A 15 14.81 27.45 10.97
CA ARG A 15 15.82 26.74 10.18
C ARG A 15 15.44 26.76 8.70
N VAL A 16 14.16 26.53 8.41
CA VAL A 16 13.63 26.57 7.05
C VAL A 16 13.88 27.94 6.40
N ALA A 17 13.51 29.02 7.08
CA ALA A 17 13.66 30.38 6.54
C ALA A 17 15.12 30.72 6.29
N ASP A 18 15.97 30.34 7.25
CA ASP A 18 17.39 30.62 7.16
C ASP A 18 18.03 29.91 5.97
N LEU A 19 17.74 28.62 5.80
CA LEU A 19 18.28 27.87 4.66
C LEU A 19 17.73 28.40 3.33
N LEU A 20 16.41 28.60 3.26
CA LEU A 20 15.76 29.08 2.03
C LEU A 20 16.39 30.39 1.55
N GLY A 21 16.63 31.31 2.48
CA GLY A 21 17.20 32.61 2.15
C GLY A 21 18.61 32.54 1.55
N ARG A 22 19.23 31.37 1.62
CA ARG A 22 20.61 31.18 1.12
C ARG A 22 20.67 30.49 -0.25
N MET A 23 19.57 29.91 -0.69
CA MET A 23 19.56 29.00 -1.82
C MET A 23 19.48 29.70 -3.18
N THR A 24 20.21 29.17 -4.15
CA THR A 24 20.12 29.61 -5.54
C THR A 24 18.90 28.96 -6.20
N LEU A 25 18.52 29.44 -7.38
CA LEU A 25 17.42 28.85 -8.12
C LEU A 25 17.68 27.36 -8.36
N ALA A 26 18.91 27.02 -8.79
CA ALA A 26 19.32 25.63 -9.03
C ALA A 26 19.12 24.74 -7.79
N GLU A 27 19.48 25.27 -6.62
CA GLU A 27 19.35 24.56 -5.35
C GLU A 27 17.89 24.38 -4.98
N LYS A 28 17.09 25.41 -5.25
CA LYS A 28 15.64 25.34 -4.99
C LYS A 28 14.97 24.29 -5.86
N ILE A 29 15.19 24.38 -7.18
CA ILE A 29 14.57 23.45 -8.13
C ILE A 29 15.08 22.00 -7.87
N GLY A 30 16.36 21.87 -7.53
CA GLY A 30 16.90 20.59 -7.08
C GLY A 30 16.08 19.95 -5.96
N GLN A 31 15.74 20.70 -4.91
CA GLN A 31 14.92 20.16 -3.81
C GLN A 31 13.58 19.61 -4.31
N MET A 32 13.06 20.23 -5.37
CA MET A 32 11.75 19.90 -5.90
C MET A 32 11.79 18.65 -6.80
N THR A 33 12.99 18.11 -7.00
CA THR A 33 13.20 17.06 -7.97
C THR A 33 13.46 15.73 -7.28
N GLN A 34 12.60 14.75 -7.55
CA GLN A 34 12.82 13.38 -7.07
C GLN A 34 13.16 12.46 -8.24
N ILE A 35 14.27 11.73 -8.12
CA ILE A 35 14.75 10.87 -9.21
C ILE A 35 14.84 9.42 -8.78
N GLU A 36 14.68 8.53 -9.75
CA GLU A 36 14.80 7.10 -9.50
C GLU A 36 16.26 6.74 -9.24
N ARG A 37 16.50 5.84 -8.29
CA ARG A 37 17.85 5.32 -8.06
C ARG A 37 18.57 4.87 -9.35
N LEU A 38 17.83 4.31 -10.31
CA LEU A 38 18.46 3.82 -11.54
C LEU A 38 19.11 4.92 -12.40
N VAL A 39 18.71 6.17 -12.21
CA VAL A 39 19.37 7.27 -12.95
C VAL A 39 20.33 8.09 -12.08
N ALA A 40 20.44 7.72 -10.80
CA ALA A 40 21.23 8.50 -9.85
C ALA A 40 22.69 8.05 -9.82
N THR A 41 23.55 9.03 -9.60
CA THR A 41 24.96 8.85 -9.58
C THR A 41 25.48 9.92 -8.60
N PRO A 42 26.64 9.72 -7.95
CA PRO A 42 27.14 10.77 -7.06
C PRO A 42 27.21 12.14 -7.73
N ASP A 43 27.81 12.21 -8.92
CA ASP A 43 27.90 13.46 -9.67
C ASP A 43 26.52 14.06 -9.98
N VAL A 44 25.58 13.24 -10.42
CA VAL A 44 24.23 13.73 -10.76
C VAL A 44 23.56 14.40 -9.55
N LEU A 45 23.62 13.71 -8.41
CA LEU A 45 22.96 14.17 -7.20
C LEU A 45 23.57 15.46 -6.68
N ARG A 46 24.90 15.54 -6.72
CA ARG A 46 25.64 16.70 -6.29
C ARG A 46 25.44 17.86 -7.28
N ASP A 47 25.68 17.61 -8.57
CA ASP A 47 25.61 18.67 -9.59
C ASP A 47 24.23 19.29 -9.75
N ASN A 48 23.18 18.52 -9.50
CA ASN A 48 21.81 18.98 -9.70
C ASN A 48 21.09 19.28 -8.38
N PHE A 49 21.83 19.21 -7.28
CA PHE A 49 21.30 19.53 -5.94
C PHE A 49 19.99 18.80 -5.68
N ILE A 50 19.99 17.50 -5.98
CA ILE A 50 18.76 16.67 -5.96
C ILE A 50 18.19 16.52 -4.55
N GLY A 51 16.88 16.73 -4.41
CA GLY A 51 16.23 16.75 -3.09
C GLY A 51 15.75 15.39 -2.61
N SER A 52 15.50 14.48 -3.55
CA SER A 52 14.91 13.19 -3.18
C SER A 52 15.21 12.09 -4.20
N LEU A 53 15.27 10.85 -3.72
CA LEU A 53 15.33 9.66 -4.59
C LEU A 53 14.19 8.72 -4.25
N LEU A 54 13.87 7.83 -5.19
CA LEU A 54 12.96 6.74 -4.85
C LEU A 54 13.42 5.45 -5.51
N SER A 55 12.92 4.34 -4.98
CA SER A 55 12.84 3.07 -5.68
C SER A 55 11.41 2.93 -6.16
N GLY A 56 11.23 2.80 -7.47
CA GLY A 56 9.95 2.34 -8.00
C GLY A 56 9.75 0.88 -7.63
N GLY A 57 8.56 0.33 -7.90
CA GLY A 57 8.30 -1.10 -7.65
C GLY A 57 9.39 -1.98 -8.27
N GLY A 58 9.96 -2.87 -7.46
CA GLY A 58 11.03 -3.78 -7.90
C GLY A 58 12.39 -3.16 -8.19
N SER A 59 12.57 -1.88 -7.87
CA SER A 59 13.84 -1.19 -8.14
C SER A 59 14.73 -1.40 -6.92
N VAL A 60 15.57 -2.42 -7.01
CA VAL A 60 16.34 -2.90 -5.87
C VAL A 60 17.85 -2.99 -6.24
N PRO A 61 18.77 -2.82 -5.26
CA PRO A 61 20.21 -2.86 -5.59
C PRO A 61 20.69 -4.21 -6.17
N ARG A 62 20.09 -5.30 -5.72
CA ARG A 62 20.38 -6.67 -6.22
C ARG A 62 19.21 -7.51 -5.77
N LYS A 63 18.94 -8.59 -6.49
CA LYS A 63 17.96 -9.56 -6.02
C LYS A 63 18.50 -10.17 -4.74
N GLY A 64 17.66 -10.29 -3.72
CA GLY A 64 18.07 -10.89 -2.45
C GLY A 64 18.99 -10.02 -1.61
N ALA A 65 19.05 -8.71 -1.90
CA ALA A 65 19.93 -7.80 -1.15
C ALA A 65 19.61 -7.79 0.34
N THR A 66 20.65 -7.74 1.16
CA THR A 66 20.48 -7.68 2.60
C THR A 66 20.04 -6.27 3.02
N ALA A 67 19.53 -6.14 4.25
CA ALA A 67 19.25 -4.83 4.83
C ALA A 67 20.49 -3.94 4.77
N LYS A 68 21.67 -4.49 5.07
CA LYS A 68 22.90 -3.72 4.98
C LYS A 68 23.19 -3.21 3.54
N GLU A 69 22.93 -4.04 2.54
CA GLU A 69 23.09 -3.61 1.14
C GLU A 69 22.23 -2.40 0.80
N TRP A 70 20.97 -2.42 1.25
CA TRP A 70 20.08 -1.27 1.10
C TRP A 70 20.63 -0.03 1.81
N GLN A 71 21.06 -0.19 3.06
CA GLN A 71 21.63 0.94 3.83
C GLN A 71 22.80 1.56 3.10
N ASP A 72 23.66 0.69 2.55
CA ASP A 72 24.88 1.13 1.87
C ASP A 72 24.54 1.94 0.61
N MET A 73 23.53 1.49 -0.13
CA MET A 73 23.08 2.18 -1.33
C MET A 73 22.54 3.56 -0.99
N VAL A 74 21.69 3.63 0.03
CA VAL A 74 21.04 4.88 0.42
C VAL A 74 22.10 5.87 0.95
N ASP A 75 23.01 5.38 1.79
CA ASP A 75 24.11 6.18 2.34
C ASP A 75 25.04 6.70 1.24
N GLY A 76 25.28 5.89 0.22
CA GLY A 76 26.07 6.29 -0.96
C GLY A 76 25.46 7.49 -1.66
N PHE A 77 24.14 7.44 -1.88
CA PHE A 77 23.39 8.58 -2.42
C PHE A 77 23.41 9.77 -1.44
N GLN A 78 23.24 9.50 -0.15
CA GLN A 78 23.26 10.57 0.85
C GLN A 78 24.60 11.32 0.92
N LYS A 79 25.70 10.57 0.87
CA LYS A 79 27.05 11.15 0.89
C LYS A 79 27.20 12.21 -0.20
N ALA A 80 26.71 11.89 -1.39
CA ALA A 80 26.81 12.81 -2.52
C ALA A 80 26.00 14.07 -2.24
N CYS A 81 24.77 13.91 -1.73
CA CYS A 81 23.91 15.05 -1.41
C CYS A 81 24.50 15.90 -0.30
N MET A 82 25.09 15.27 0.71
CA MET A 82 25.66 16.01 1.83
C MET A 82 26.92 16.78 1.44
N SER A 83 27.46 16.47 0.27
CA SER A 83 28.69 17.07 -0.25
C SER A 83 28.42 18.35 -1.07
N THR A 84 27.15 18.70 -1.24
CA THR A 84 26.83 19.97 -1.90
C THR A 84 27.24 21.15 -1.01
N ARG A 85 27.31 22.33 -1.62
CA ARG A 85 27.59 23.58 -0.90
C ARG A 85 26.79 23.71 0.42
N LEU A 86 25.49 23.43 0.36
CA LEU A 86 24.62 23.63 1.52
C LEU A 86 24.42 22.35 2.33
N GLY A 87 24.76 21.21 1.73
CA GLY A 87 24.69 19.91 2.44
C GLY A 87 23.27 19.56 2.88
N ILE A 88 22.31 19.75 2.00
CA ILE A 88 20.92 19.38 2.30
C ILE A 88 20.74 17.89 2.05
N PRO A 89 20.37 17.12 3.10
CA PRO A 89 20.21 15.68 2.90
C PRO A 89 19.01 15.39 2.00
N MET A 90 19.15 14.36 1.17
CA MET A 90 18.03 13.88 0.38
C MET A 90 17.14 13.01 1.27
N ILE A 91 15.87 12.90 0.88
CA ILE A 91 14.92 11.98 1.52
C ILE A 91 14.68 10.86 0.50
N TYR A 92 14.74 9.60 0.94
CA TYR A 92 14.56 8.45 0.04
C TYR A 92 13.19 7.83 0.27
N GLY A 93 12.41 7.75 -0.81
CA GLY A 93 11.03 7.25 -0.75
C GLY A 93 10.87 5.86 -1.36
N ILE A 94 9.86 5.13 -0.89
CA ILE A 94 9.59 3.81 -1.45
C ILE A 94 8.14 3.40 -1.17
N ASP A 95 7.58 2.54 -2.03
CA ASP A 95 6.26 1.94 -1.75
C ASP A 95 6.39 0.82 -0.72
N ALA A 96 6.32 1.20 0.55
CA ALA A 96 6.21 0.25 1.63
C ALA A 96 4.76 0.32 2.04
N VAL A 97 3.94 -0.48 1.35
CA VAL A 97 2.48 -0.38 1.44
C VAL A 97 1.85 -1.59 2.12
N HIS A 98 2.63 -2.65 2.35
CA HIS A 98 2.17 -3.74 3.21
C HIS A 98 3.39 -4.43 3.82
N GLY A 99 4.09 -3.63 4.64
CA GLY A 99 5.46 -3.93 5.03
C GLY A 99 6.41 -3.28 4.04
N GLN A 100 7.70 -3.53 4.22
CA GLN A 100 8.75 -2.97 3.36
C GLN A 100 8.87 -3.89 2.12
N ASN A 101 7.84 -3.86 1.28
CA ASN A 101 7.54 -5.00 0.41
C ASN A 101 8.44 -5.25 -0.81
N ASN A 102 9.28 -4.27 -1.19
CA ASN A 102 10.24 -4.46 -2.28
C ASN A 102 11.43 -5.28 -1.79
N VAL A 103 11.56 -5.38 -0.48
CA VAL A 103 12.79 -5.90 0.13
C VAL A 103 12.69 -7.40 0.43
N TYR A 104 13.70 -8.15 0.00
CA TYR A 104 13.76 -9.60 0.29
C TYR A 104 13.91 -9.83 1.81
N GLY A 105 13.09 -10.70 2.39
CA GLY A 105 13.13 -10.96 3.82
C GLY A 105 12.35 -9.98 4.69
N ALA A 106 11.75 -8.95 4.09
CA ALA A 106 10.84 -8.05 4.82
C ALA A 106 9.54 -8.78 5.18
N THR A 107 9.01 -8.50 6.36
CA THR A 107 7.67 -8.99 6.73
C THR A 107 6.64 -8.43 5.75
N ILE A 108 5.83 -9.30 5.17
CA ILE A 108 4.77 -8.85 4.27
C ILE A 108 3.40 -8.96 4.97
N PHE A 109 2.79 -7.80 5.24
CA PHE A 109 1.51 -7.75 5.95
C PHE A 109 0.36 -7.96 4.96
N PRO A 110 -0.86 -8.29 5.46
CA PRO A 110 -2.03 -8.35 4.55
C PRO A 110 -2.23 -7.01 3.85
N HIS A 111 -2.70 -7.05 2.60
CA HIS A 111 -3.04 -5.82 1.89
C HIS A 111 -4.22 -5.10 2.54
N ASN A 112 -4.41 -3.84 2.19
CA ASN A 112 -5.40 -3.00 2.86
C ASN A 112 -6.81 -3.54 2.92
N VAL A 113 -7.30 -4.15 1.84
CA VAL A 113 -8.69 -4.64 1.86
C VAL A 113 -8.89 -5.59 3.06
N GLY A 114 -7.93 -6.48 3.28
CA GLY A 114 -7.98 -7.44 4.40
C GLY A 114 -7.90 -6.74 5.74
N LEU A 115 -7.07 -5.71 5.82
CA LEU A 115 -6.98 -4.92 7.05
C LEU A 115 -8.31 -4.22 7.37
N GLY A 116 -9.00 -3.73 6.33
CA GLY A 116 -10.38 -3.22 6.52
C GLY A 116 -11.30 -4.24 7.16
N ALA A 117 -11.16 -5.50 6.75
CA ALA A 117 -11.99 -6.58 7.27
C ALA A 117 -11.81 -6.78 8.78
N THR A 118 -10.64 -6.40 9.30
CA THR A 118 -10.35 -6.55 10.72
C THR A 118 -11.10 -5.56 11.60
N ARG A 119 -11.50 -4.43 11.03
CA ARG A 119 -12.10 -3.34 11.81
C ARG A 119 -11.27 -2.99 13.06
N ASP A 120 -9.95 -3.11 12.95
CA ASP A 120 -9.07 -2.93 14.11
C ASP A 120 -8.02 -1.85 13.80
N PRO A 121 -8.38 -0.57 14.04
CA PRO A 121 -7.43 0.51 13.76
C PRO A 121 -6.13 0.45 14.59
N TYR A 122 -6.20 -0.09 15.80
CA TYR A 122 -5.00 -0.25 16.62
C TYR A 122 -4.03 -1.29 16.06
N LEU A 123 -4.58 -2.40 15.56
CA LEU A 123 -3.79 -3.36 14.78
C LEU A 123 -3.08 -2.66 13.60
N VAL A 124 -3.81 -1.81 12.87
CA VAL A 124 -3.23 -1.10 11.75
C VAL A 124 -2.12 -0.11 12.22
N LYS A 125 -2.34 0.57 13.35
CA LYS A 125 -1.30 1.43 13.92
C LYS A 125 -0.03 0.60 14.19
N ARG A 126 -0.20 -0.55 14.82
CA ARG A 126 0.92 -1.42 15.16
C ARG A 126 1.65 -1.87 13.88
N ILE A 127 0.89 -2.15 12.83
CA ILE A 127 1.48 -2.49 11.53
C ILE A 127 2.34 -1.32 10.99
N GLY A 128 1.82 -0.10 11.12
CA GLY A 128 2.59 1.11 10.76
C GLY A 128 3.89 1.22 11.54
N GLU A 129 3.81 0.89 12.83
CA GLU A 129 4.98 0.93 13.71
C GLU A 129 6.05 -0.07 13.24
N ALA A 130 5.61 -1.31 13.00
CA ALA A 130 6.50 -2.36 12.50
C ALA A 130 7.07 -2.04 11.12
N THR A 131 6.23 -1.51 10.22
CA THR A 131 6.65 -1.12 8.88
C THR A 131 7.73 -0.02 8.92
N ALA A 132 7.52 1.00 9.75
CA ALA A 132 8.53 2.05 9.92
C ALA A 132 9.92 1.46 10.28
N LEU A 133 9.92 0.48 11.18
CA LEU A 133 11.16 -0.12 11.65
C LEU A 133 11.83 -0.90 10.52
N GLU A 134 11.04 -1.64 9.74
CA GLU A 134 11.62 -2.43 8.63
C GLU A 134 12.09 -1.52 7.47
N VAL A 135 11.39 -0.41 7.26
CA VAL A 135 11.83 0.60 6.27
C VAL A 135 13.15 1.25 6.74
N ARG A 136 13.21 1.69 8.00
CA ARG A 136 14.48 2.19 8.57
C ARG A 136 15.59 1.13 8.60
N ALA A 137 15.22 -0.15 8.71
CA ALA A 137 16.23 -1.22 8.62
C ALA A 137 17.02 -1.15 7.30
N THR A 138 16.36 -0.64 6.26
CA THR A 138 16.97 -0.51 4.92
C THR A 138 17.54 0.89 4.64
N GLY A 139 17.53 1.75 5.67
CA GLY A 139 18.05 3.12 5.54
C GLY A 139 17.09 4.11 4.90
N ILE A 140 15.87 3.66 4.60
CA ILE A 140 14.91 4.51 3.89
C ILE A 140 14.06 5.30 4.90
N GLN A 141 13.75 6.55 4.57
CA GLN A 141 13.14 7.45 5.57
C GLN A 141 11.68 7.84 5.26
N TYR A 142 11.13 7.31 4.17
CA TYR A 142 9.88 7.84 3.62
C TYR A 142 9.10 6.70 2.93
N ALA A 143 7.89 6.44 3.42
CA ALA A 143 7.01 5.41 2.85
C ALA A 143 5.82 6.05 2.13
N PHE A 144 5.56 5.61 0.89
CA PHE A 144 4.40 6.09 0.14
C PHE A 144 3.10 5.40 0.63
N ALA A 145 2.67 5.72 1.84
CA ALA A 145 1.53 5.07 2.48
C ALA A 145 1.01 5.95 3.63
N PRO A 146 -0.30 5.88 3.93
CA PRO A 146 -1.32 4.97 3.36
C PRO A 146 -2.04 5.43 2.10
N CYS A 147 -2.38 4.45 1.26
CA CYS A 147 -3.45 4.65 0.27
C CYS A 147 -4.80 4.76 1.01
N ILE A 148 -5.39 5.95 0.99
CA ILE A 148 -6.71 6.15 1.62
C ILE A 148 -7.79 6.33 0.53
N ALA A 149 -7.55 5.72 -0.64
CA ALA A 149 -8.59 5.60 -1.66
C ALA A 149 -9.80 4.90 -1.06
N VAL A 150 -10.99 5.35 -1.46
CA VAL A 150 -12.23 4.66 -1.11
C VAL A 150 -12.72 3.99 -2.40
N CYS A 151 -12.41 2.70 -2.56
CA CYS A 151 -12.72 1.99 -3.81
C CYS A 151 -14.21 1.73 -3.93
N ARG A 152 -14.81 2.29 -4.98
CA ARG A 152 -16.26 2.22 -5.17
C ARG A 152 -16.66 1.22 -6.26
N ASP A 153 -15.65 0.58 -6.86
CA ASP A 153 -15.87 -0.38 -7.93
C ASP A 153 -14.71 -1.39 -7.94
N PRO A 154 -14.98 -2.66 -7.57
CA PRO A 154 -13.90 -3.66 -7.42
C PRO A 154 -13.25 -4.05 -8.74
N ARG A 155 -13.80 -3.59 -9.87
CA ARG A 155 -13.13 -3.79 -11.15
C ARG A 155 -11.79 -3.03 -11.23
N TRP A 156 -11.58 -2.11 -10.29
CA TRP A 156 -10.34 -1.36 -10.18
C TRP A 156 -9.18 -2.26 -9.73
N GLY A 157 -8.10 -2.22 -10.48
CA GLY A 157 -6.86 -2.93 -10.15
C GLY A 157 -6.21 -2.57 -8.83
N ARG A 158 -6.60 -1.43 -8.25
CA ARG A 158 -6.07 -1.04 -6.94
C ARG A 158 -7.08 -1.19 -5.81
N CYS A 159 -8.18 -1.88 -6.05
CA CYS A 159 -9.17 -2.08 -5.00
C CYS A 159 -8.56 -2.68 -3.72
N TYR A 160 -7.59 -3.60 -3.86
CA TYR A 160 -6.97 -4.22 -2.67
C TYR A 160 -6.17 -3.23 -1.80
N GLU A 161 -5.76 -2.12 -2.42
CA GLU A 161 -5.05 -1.03 -1.74
C GLU A 161 -5.99 -0.10 -0.94
N SER A 162 -7.30 -0.33 -1.06
CA SER A 162 -8.30 0.46 -0.35
C SER A 162 -8.82 -0.35 0.84
N TYR A 163 -8.88 0.29 2.01
CA TYR A 163 -9.38 -0.42 3.18
C TYR A 163 -10.86 -0.83 3.07
N SER A 164 -11.65 -0.08 2.30
CA SER A 164 -13.10 -0.26 2.27
C SER A 164 -13.77 0.64 1.26
N GLU A 165 -14.97 0.24 0.84
CA GLU A 165 -15.85 1.13 0.05
C GLU A 165 -16.54 2.15 0.97
N ASP A 166 -16.47 1.91 2.27
CA ASP A 166 -17.07 2.79 3.31
C ASP A 166 -15.99 3.73 3.83
N ARG A 167 -16.14 5.03 3.55
CA ARG A 167 -15.12 6.00 3.97
C ARG A 167 -14.89 6.03 5.48
N ARG A 168 -15.89 5.65 6.26
CA ARG A 168 -15.74 5.65 7.71
C ARG A 168 -14.70 4.62 8.16
N ILE A 169 -14.66 3.47 7.48
CA ILE A 169 -13.62 2.47 7.74
C ILE A 169 -12.24 3.00 7.29
N VAL A 170 -12.18 3.61 6.10
CA VAL A 170 -10.93 4.22 5.63
C VAL A 170 -10.45 5.27 6.65
N GLN A 171 -11.36 6.14 7.09
CA GLN A 171 -11.04 7.16 8.10
C GLN A 171 -10.43 6.53 9.34
N SER A 172 -11.06 5.48 9.86
CA SER A 172 -10.56 4.79 11.05
C SER A 172 -9.14 4.25 10.84
N MET A 173 -8.83 3.79 9.62
CA MET A 173 -7.54 3.13 9.33
C MET A 173 -6.40 4.13 9.09
N THR A 174 -6.71 5.42 9.10
CA THR A 174 -5.66 6.44 9.02
C THR A 174 -4.74 6.38 10.25
N GLU A 175 -5.09 5.54 11.24
CA GLU A 175 -4.17 5.17 12.33
C GLU A 175 -2.81 4.64 11.86
N LEU A 176 -2.74 4.17 10.61
CA LEU A 176 -1.44 3.76 10.05
C LEU A 176 -0.43 4.92 10.16
N ILE A 177 -0.94 6.14 10.01
CA ILE A 177 -0.09 7.33 9.95
C ILE A 177 0.75 7.55 11.23
N PRO A 178 0.11 7.67 12.41
CA PRO A 178 0.92 7.76 13.64
C PRO A 178 1.73 6.50 13.97
N GLY A 179 1.34 5.35 13.42
CA GLY A 179 2.18 4.14 13.49
C GLY A 179 3.49 4.38 12.74
N LEU A 180 3.38 4.79 11.47
CA LEU A 180 4.57 5.07 10.65
C LEU A 180 5.42 6.22 11.18
N GLN A 181 4.76 7.29 11.61
CA GLN A 181 5.42 8.58 11.89
C GLN A 181 5.65 8.82 13.38
N GLY A 182 4.86 8.15 14.21
CA GLY A 182 4.81 8.48 15.64
C GLY A 182 3.60 9.34 15.96
N ASP A 183 3.12 9.24 17.19
CA ASP A 183 2.00 10.06 17.67
C ASP A 183 2.37 11.53 17.77
N VAL A 184 1.46 12.38 17.32
CA VAL A 184 1.63 13.83 17.41
C VAL A 184 1.43 14.31 18.86
N PRO A 185 2.07 15.43 19.25
CA PRO A 185 1.90 16.02 20.58
C PRO A 185 0.46 16.44 20.87
N LYS A 186 0.12 16.59 22.15
CA LYS A 186 -1.22 17.05 22.56
C LYS A 186 -1.51 18.43 21.95
N ASP A 187 -0.47 19.25 21.83
CA ASP A 187 -0.56 20.62 21.32
C ASP A 187 -0.69 20.74 19.79
N PHE A 188 -0.73 19.61 19.09
CA PHE A 188 -0.52 19.60 17.63
C PHE A 188 -1.56 20.36 16.80
N THR A 189 -1.08 21.11 15.81
CA THR A 189 -1.94 21.84 14.89
C THR A 189 -2.22 21.01 13.63
N SER A 190 -3.49 20.74 13.37
CA SER A 190 -3.89 19.93 12.21
C SER A 190 -3.30 20.49 10.92
N GLY A 191 -2.76 19.61 10.08
CA GLY A 191 -2.15 20.00 8.80
C GLY A 191 -0.65 20.16 8.80
N MET A 192 -0.07 20.31 9.99
CA MET A 192 1.40 20.32 10.13
C MET A 192 1.98 18.92 9.90
N PRO A 193 3.19 18.83 9.29
CA PRO A 193 3.83 17.52 9.14
C PRO A 193 4.46 17.09 10.46
N PHE A 194 4.57 15.78 10.69
CA PHE A 194 5.19 15.26 11.89
C PHE A 194 5.88 13.94 11.61
N VAL A 195 7.12 13.79 12.06
CA VAL A 195 7.81 12.50 12.21
C VAL A 195 8.60 12.60 13.51
N ALA A 196 8.51 11.55 14.34
CA ALA A 196 9.06 11.59 15.72
C ALA A 196 10.59 11.60 15.78
N GLY A 197 11.22 10.99 14.79
CA GLY A 197 12.68 10.88 14.74
C GLY A 197 13.14 9.70 13.93
N LYS A 198 14.37 9.27 14.18
CA LYS A 198 15.11 8.34 13.30
C LYS A 198 14.58 6.91 13.25
N ASN A 199 13.72 6.54 14.18
CA ASN A 199 13.07 5.23 14.15
C ASN A 199 11.68 5.23 13.49
N LYS A 200 11.31 6.37 12.94
CA LYS A 200 10.02 6.55 12.26
C LYS A 200 10.27 7.00 10.83
N VAL A 201 9.22 6.99 10.01
CA VAL A 201 9.33 7.44 8.62
C VAL A 201 8.30 8.52 8.31
N ALA A 202 8.60 9.38 7.34
CA ALA A 202 7.57 10.24 6.75
C ALA A 202 6.55 9.36 6.04
N ALA A 203 5.26 9.69 6.21
CA ALA A 203 4.16 9.02 5.55
C ALA A 203 3.61 9.83 4.38
N CYS A 204 2.64 9.25 3.69
CA CYS A 204 2.06 9.82 2.48
C CYS A 204 0.62 9.40 2.27
N ALA A 205 -0.32 10.33 2.50
CA ALA A 205 -1.74 10.08 2.23
C ALA A 205 -1.94 10.16 0.70
N LYS A 206 -2.50 9.10 0.11
CA LYS A 206 -2.59 9.01 -1.35
C LYS A 206 -3.86 8.26 -1.80
N HIS A 207 -4.34 8.48 -3.03
CA HIS A 207 -3.81 9.49 -3.97
C HIS A 207 -4.88 10.56 -4.08
N PHE A 208 -4.49 11.81 -3.83
CA PHE A 208 -5.43 12.93 -3.74
C PHE A 208 -5.93 13.38 -5.13
N VAL A 209 -7.24 13.33 -5.40
CA VAL A 209 -8.30 12.79 -4.55
C VAL A 209 -9.32 12.10 -5.46
N GLY A 210 -10.00 11.07 -4.96
CA GLY A 210 -11.03 10.36 -5.73
C GLY A 210 -10.48 9.26 -6.64
N ASP A 211 -9.24 8.83 -6.38
CA ASP A 211 -8.64 7.68 -7.09
C ASP A 211 -9.52 6.42 -7.10
N GLY A 212 -10.28 6.22 -6.03
CA GLY A 212 -11.18 5.06 -5.92
C GLY A 212 -12.56 5.27 -6.53
N GLY A 213 -12.78 6.43 -7.15
CA GLY A 213 -14.10 6.76 -7.72
C GLY A 213 -14.23 6.78 -9.23
N THR A 214 -13.30 6.13 -9.95
CA THR A 214 -13.23 6.27 -11.42
C THR A 214 -14.30 5.42 -12.12
N VAL A 215 -14.77 5.88 -13.28
CA VAL A 215 -15.80 5.14 -14.04
C VAL A 215 -15.36 3.72 -14.37
N ASP A 216 -16.21 2.75 -14.03
CA ASP A 216 -15.97 1.33 -14.27
C ASP A 216 -14.69 0.83 -13.60
N GLY A 217 -14.25 1.54 -12.55
CA GLY A 217 -13.01 1.22 -11.85
C GLY A 217 -11.80 1.25 -12.77
N ILE A 218 -11.87 2.06 -13.84
CA ILE A 218 -10.74 2.16 -14.75
C ILE A 218 -9.62 2.95 -14.08
N ASN A 219 -8.45 2.31 -13.93
CA ASN A 219 -7.32 2.92 -13.26
C ASN A 219 -6.87 4.21 -13.97
N GLU A 220 -6.61 5.24 -13.17
CA GLU A 220 -6.14 6.56 -13.66
C GLU A 220 -7.20 7.36 -14.42
N ASN A 221 -8.44 6.89 -14.41
CA ASN A 221 -9.46 7.48 -15.29
C ASN A 221 -10.21 8.65 -14.64
N ASN A 222 -11.43 8.89 -15.10
CA ASN A 222 -12.25 10.03 -14.67
C ASN A 222 -13.19 9.66 -13.53
N THR A 223 -13.13 10.45 -12.46
CA THR A 223 -14.08 10.33 -11.36
C THR A 223 -15.17 11.35 -11.59
N ILE A 224 -16.36 10.86 -11.97
CA ILE A 224 -17.48 11.73 -12.29
C ILE A 224 -18.45 11.74 -11.11
N ILE A 225 -18.47 12.84 -10.38
CA ILE A 225 -19.25 12.99 -9.15
C ILE A 225 -19.29 14.47 -8.78
N ASN A 226 -20.43 14.93 -8.25
CA ASN A 226 -20.56 16.31 -7.81
C ASN A 226 -19.71 16.58 -6.57
N ARG A 227 -19.50 17.86 -6.26
CA ARG A 227 -18.64 18.26 -5.14
C ARG A 227 -19.12 17.63 -3.82
N GLU A 228 -20.43 17.61 -3.60
CA GLU A 228 -20.98 17.01 -2.38
C GLU A 228 -20.49 15.57 -2.22
N GLY A 229 -20.61 14.77 -3.27
CA GLY A 229 -20.16 13.37 -3.26
C GLY A 229 -18.65 13.21 -3.11
N LEU A 230 -17.89 14.04 -3.82
CA LEU A 230 -16.43 14.03 -3.68
C LEU A 230 -16.07 14.31 -2.21
N MET A 231 -16.77 15.29 -1.64
CA MET A 231 -16.49 15.75 -0.28
C MET A 231 -16.97 14.81 0.83
N ASN A 232 -18.03 14.04 0.59
CA ASN A 232 -18.46 13.16 1.68
C ASN A 232 -18.01 11.70 1.54
N ILE A 233 -17.52 11.33 0.35
CA ILE A 233 -16.95 9.98 0.13
C ILE A 233 -15.42 10.00 0.08
N HIS A 234 -14.87 10.78 -0.84
CA HIS A 234 -13.45 10.66 -1.18
C HIS A 234 -12.48 11.53 -0.37
N MET A 235 -13.00 12.62 0.19
CA MET A 235 -12.21 13.61 0.90
C MET A 235 -11.99 13.37 2.40
N PRO A 236 -13.03 12.91 3.14
CA PRO A 236 -12.97 12.91 4.60
C PRO A 236 -11.69 12.35 5.24
N ALA A 237 -11.20 11.21 4.75
CA ALA A 237 -9.98 10.62 5.32
C ALA A 237 -8.73 11.51 5.20
N TYR A 238 -8.73 12.44 4.22
CA TYR A 238 -7.63 13.43 4.11
C TYR A 238 -7.60 14.37 5.31
N LYS A 239 -8.77 14.76 5.81
CA LYS A 239 -8.86 15.57 7.02
C LYS A 239 -8.37 14.81 8.26
N ASN A 240 -8.75 13.54 8.40
CA ASN A 240 -8.16 12.70 9.45
C ASN A 240 -6.64 12.66 9.32
N ALA A 241 -6.13 12.52 8.10
CA ALA A 241 -4.69 12.52 7.87
C ALA A 241 -4.03 13.85 8.29
N MET A 242 -4.71 14.98 8.05
CA MET A 242 -4.19 16.30 8.51
C MET A 242 -4.13 16.35 10.05
N ASP A 243 -5.14 15.77 10.70
CA ASP A 243 -5.23 15.78 12.17
C ASP A 243 -4.12 14.95 12.80
N LYS A 244 -3.66 13.93 12.08
CA LYS A 244 -2.61 13.03 12.53
C LYS A 244 -1.20 13.43 12.03
N GLY A 245 -1.11 14.60 11.40
CA GLY A 245 0.17 15.15 10.97
C GLY A 245 0.88 14.45 9.82
N VAL A 246 0.12 13.90 8.87
CA VAL A 246 0.74 13.25 7.69
C VAL A 246 1.74 14.22 7.02
N SER A 247 2.90 13.71 6.66
CA SER A 247 4.00 14.59 6.21
C SER A 247 3.86 15.03 4.78
N THR A 248 3.35 14.12 3.93
CA THR A 248 3.25 14.36 2.50
C THR A 248 1.90 13.89 1.98
N VAL A 249 1.48 14.44 0.85
CA VAL A 249 0.32 13.95 0.11
C VAL A 249 0.71 13.72 -1.35
N MET A 250 0.38 12.55 -1.89
CA MET A 250 0.65 12.29 -3.31
C MET A 250 -0.62 12.51 -4.14
N ILE A 251 -0.45 13.17 -5.29
CA ILE A 251 -1.57 13.48 -6.19
C ILE A 251 -1.92 12.27 -7.06
N SER A 252 -3.21 12.11 -7.34
CA SER A 252 -3.71 11.00 -8.17
C SER A 252 -3.53 11.23 -9.67
N TYR A 253 -3.24 10.15 -10.40
CA TYR A 253 -3.31 10.18 -11.87
C TYR A 253 -4.73 10.51 -12.37
N SER A 254 -5.75 10.17 -11.58
CA SER A 254 -7.14 10.33 -12.00
C SER A 254 -7.56 11.79 -12.22
N SER A 255 -8.71 11.95 -12.83
CA SER A 255 -9.32 13.27 -13.05
C SER A 255 -10.59 13.37 -12.21
N TRP A 256 -10.99 14.60 -11.90
CA TRP A 256 -12.29 14.84 -11.29
C TRP A 256 -13.12 15.66 -12.27
N ASN A 257 -14.21 15.07 -12.75
CA ASN A 257 -15.08 15.70 -13.74
C ASN A 257 -14.27 16.27 -14.90
N GLY A 258 -13.30 15.48 -15.37
CA GLY A 258 -12.54 15.83 -16.57
C GLY A 258 -11.27 16.62 -16.34
N VAL A 259 -11.04 17.08 -15.11
CA VAL A 259 -9.84 17.87 -14.81
C VAL A 259 -8.83 16.97 -14.12
N LYS A 260 -7.63 16.91 -14.69
CA LYS A 260 -6.54 16.11 -14.15
C LYS A 260 -6.18 16.62 -12.75
N MET A 261 -6.12 15.72 -11.77
CA MET A 261 -5.69 16.08 -10.42
C MET A 261 -4.34 16.80 -10.40
N HIS A 262 -3.40 16.29 -11.20
CA HIS A 262 -2.06 16.89 -11.31
C HIS A 262 -2.05 18.31 -11.86
N ALA A 263 -3.19 18.77 -12.39
CA ALA A 263 -3.33 20.15 -12.87
C ALA A 263 -4.40 20.96 -12.11
N ASN A 264 -4.92 20.39 -11.02
CA ASN A 264 -6.08 21.00 -10.34
C ASN A 264 -5.70 21.95 -9.20
N GLN A 265 -5.60 23.24 -9.51
CA GLN A 265 -5.19 24.24 -8.55
C GLN A 265 -6.26 24.41 -7.47
N ASP A 266 -7.52 24.38 -7.88
CA ASP A 266 -8.64 24.50 -6.95
C ASP A 266 -8.54 23.49 -5.80
N LEU A 267 -8.29 22.23 -6.13
CA LEU A 267 -8.24 21.20 -5.10
C LEU A 267 -6.91 21.12 -4.35
N VAL A 268 -5.79 21.22 -5.09
CA VAL A 268 -4.46 21.06 -4.49
C VAL A 268 -4.08 22.31 -3.66
N THR A 269 -4.26 23.50 -4.24
CA THR A 269 -3.95 24.72 -3.52
C THR A 269 -5.18 25.24 -2.75
N GLY A 270 -6.28 25.43 -3.46
CA GLY A 270 -7.51 25.97 -2.88
C GLY A 270 -8.00 25.15 -1.70
N TYR A 271 -8.04 23.83 -1.84
CA TYR A 271 -8.59 23.00 -0.78
C TYR A 271 -7.54 22.40 0.16
N LEU A 272 -6.64 21.57 -0.38
CA LEU A 272 -5.66 20.89 0.45
C LEU A 272 -4.79 21.88 1.22
N LYS A 273 -4.17 22.82 0.51
CA LYS A 273 -3.29 23.78 1.17
C LYS A 273 -4.05 24.87 1.92
N ASP A 274 -4.95 25.58 1.23
CA ASP A 274 -5.57 26.80 1.77
C ASP A 274 -6.76 26.57 2.71
N THR A 275 -7.41 25.42 2.62
CA THR A 275 -8.59 25.11 3.44
C THR A 275 -8.27 24.10 4.56
N LEU A 276 -7.72 22.95 4.18
CA LEU A 276 -7.25 21.95 5.16
C LEU A 276 -5.99 22.40 5.91
N LYS A 277 -5.33 23.45 5.40
CA LYS A 277 -4.13 24.02 6.03
C LYS A 277 -2.95 23.03 6.06
N PHE A 278 -2.90 22.15 5.06
CA PHE A 278 -1.76 21.25 4.91
C PHE A 278 -0.45 22.03 4.76
N LYS A 279 0.55 21.67 5.58
CA LYS A 279 1.83 22.39 5.61
C LYS A 279 3.02 21.49 5.30
N GLY A 280 2.76 20.21 5.03
CA GLY A 280 3.81 19.29 4.54
C GLY A 280 3.98 19.51 3.04
N PHE A 281 4.61 18.55 2.36
CA PHE A 281 4.79 18.70 0.92
C PHE A 281 3.91 17.80 0.06
N VAL A 282 3.53 18.32 -1.10
CA VAL A 282 2.72 17.60 -2.08
C VAL A 282 3.61 17.03 -3.20
N ILE A 283 3.49 15.73 -3.45
CA ILE A 283 4.34 15.03 -4.43
C ILE A 283 3.47 14.49 -5.57
N SER A 284 3.99 14.53 -6.80
CA SER A 284 3.30 13.90 -7.92
C SER A 284 3.38 12.38 -7.82
N ASP A 285 2.57 11.69 -8.62
CA ASP A 285 2.79 10.26 -8.85
C ASP A 285 3.82 10.12 -9.98
N TRP A 286 4.18 8.88 -10.28
CA TRP A 286 5.24 8.52 -11.24
C TRP A 286 4.86 8.95 -12.65
N GLU A 287 5.60 9.93 -13.18
CA GLU A 287 5.24 10.56 -14.48
C GLU A 287 3.81 11.11 -14.48
N GLY A 288 3.33 11.49 -13.29
CA GLY A 288 1.97 12.02 -13.13
C GLY A 288 1.76 13.30 -13.92
N ILE A 289 2.77 14.18 -13.91
CA ILE A 289 2.66 15.43 -14.68
C ILE A 289 2.68 15.17 -16.20
N ASP A 290 3.43 14.16 -16.64
CA ASP A 290 3.47 13.75 -18.06
C ASP A 290 2.08 13.38 -18.56
N ARG A 291 1.34 12.70 -17.69
CA ARG A 291 0.05 12.14 -18.03
C ARG A 291 -1.10 13.14 -17.95
N ILE A 292 -0.77 14.41 -17.70
CA ILE A 292 -1.75 15.50 -17.79
C ILE A 292 -2.22 15.64 -19.24
N THR A 293 -1.27 15.46 -20.17
CA THR A 293 -1.56 15.57 -21.61
C THR A 293 -1.92 14.23 -22.24
N THR A 294 -2.60 14.29 -23.38
CA THR A 294 -2.86 13.12 -24.20
C THR A 294 -2.30 13.43 -25.60
N PRO A 295 -1.30 12.64 -26.06
CA PRO A 295 -0.61 11.55 -25.37
C PRO A 295 0.19 12.05 -24.17
N ALA A 296 0.48 11.14 -23.24
CA ALA A 296 1.31 11.46 -22.09
C ALA A 296 2.67 11.95 -22.56
N GLY A 297 3.17 13.02 -21.94
CA GLY A 297 4.50 13.57 -22.26
C GLY A 297 4.64 14.30 -23.59
N SER A 298 3.52 14.53 -24.29
CA SER A 298 3.54 15.23 -25.59
C SER A 298 3.79 16.73 -25.46
N ASP A 299 3.68 17.27 -24.24
CA ASP A 299 3.98 18.69 -24.00
C ASP A 299 4.48 18.86 -22.57
N TYR A 300 5.72 18.45 -22.36
CA TYR A 300 6.28 18.42 -21.02
C TYR A 300 6.42 19.83 -20.44
N SER A 301 6.68 20.82 -21.30
CA SER A 301 6.70 22.21 -20.87
C SER A 301 5.37 22.59 -20.19
N TYR A 302 4.25 22.28 -20.85
CA TYR A 302 2.93 22.43 -20.26
C TYR A 302 2.75 21.63 -18.96
N SER A 303 3.21 20.37 -18.96
CA SER A 303 3.10 19.53 -17.77
C SER A 303 3.75 20.19 -16.55
N VAL A 304 4.94 20.77 -16.75
CA VAL A 304 5.69 21.40 -15.66
C VAL A 304 4.93 22.62 -15.17
N LYS A 305 4.57 23.51 -16.10
CA LYS A 305 3.82 24.72 -15.81
C LYS A 305 2.51 24.41 -15.05
N ALA A 306 1.71 23.51 -15.59
CA ALA A 306 0.39 23.21 -15.02
C ALA A 306 0.49 22.61 -13.62
N SER A 307 1.43 21.70 -13.41
CA SER A 307 1.52 20.99 -12.13
C SER A 307 2.08 21.89 -11.02
N ILE A 308 3.12 22.64 -11.34
CA ILE A 308 3.75 23.53 -10.36
C ILE A 308 2.79 24.69 -10.01
N LEU A 309 2.13 25.27 -11.01
CA LEU A 309 1.10 26.28 -10.75
C LEU A 309 -0.12 25.74 -9.98
N ALA A 310 -0.46 24.47 -10.20
CA ALA A 310 -1.52 23.81 -9.44
C ALA A 310 -1.20 23.70 -7.94
N GLY A 311 0.10 23.71 -7.63
CA GLY A 311 0.54 23.69 -6.23
C GLY A 311 1.36 22.48 -5.80
N LEU A 312 1.73 21.61 -6.74
CA LEU A 312 2.60 20.48 -6.40
C LEU A 312 3.97 21.02 -5.98
N ASP A 313 4.62 20.34 -5.03
CA ASP A 313 5.90 20.81 -4.46
C ASP A 313 7.10 20.00 -4.94
N MET A 314 6.92 18.68 -5.01
CA MET A 314 7.98 17.77 -5.43
C MET A 314 7.49 16.89 -6.59
N ILE A 315 8.31 16.80 -7.63
CA ILE A 315 7.94 16.00 -8.82
C ILE A 315 8.72 14.70 -8.87
N MET A 316 7.96 13.60 -8.87
CA MET A 316 8.51 12.26 -9.09
C MET A 316 8.69 12.14 -10.60
N VAL A 317 9.87 12.56 -11.10
CA VAL A 317 10.09 12.72 -12.54
C VAL A 317 9.77 11.44 -13.32
N PRO A 318 10.39 10.29 -12.97
CA PRO A 318 11.53 10.07 -12.07
C PRO A 318 12.86 9.89 -12.79
N ASN A 319 12.84 9.86 -14.12
CA ASN A 319 14.01 9.50 -14.90
C ASN A 319 14.63 10.69 -15.61
N LYS A 320 13.79 11.41 -16.35
CA LYS A 320 14.30 12.52 -17.17
C LYS A 320 14.45 13.81 -16.38
N TYR A 321 15.31 13.80 -15.36
CA TYR A 321 15.48 14.94 -14.48
C TYR A 321 16.08 16.14 -15.22
N GLN A 322 16.92 15.88 -16.22
CA GLN A 322 17.57 16.99 -16.94
C GLN A 322 16.51 17.88 -17.60
N GLN A 323 15.60 17.25 -18.34
CA GLN A 323 14.47 17.94 -18.97
C GLN A 323 13.62 18.67 -17.91
N PHE A 324 13.27 17.98 -16.82
CA PHE A 324 12.46 18.61 -15.78
C PHE A 324 13.11 19.88 -15.24
N ILE A 325 14.36 19.77 -14.80
CA ILE A 325 15.09 20.89 -14.23
C ILE A 325 15.26 22.01 -15.26
N SER A 326 15.61 21.67 -16.48
CA SER A 326 15.81 22.69 -17.52
C SER A 326 14.53 23.47 -17.78
N ILE A 327 13.42 22.75 -17.92
CA ILE A 327 12.13 23.38 -18.26
C ILE A 327 11.63 24.28 -17.14
N LEU A 328 11.68 23.78 -15.91
CA LEU A 328 11.26 24.57 -14.74
C LEU A 328 12.14 25.80 -14.56
N THR A 329 13.45 25.65 -14.70
CA THR A 329 14.37 26.79 -14.65
C THR A 329 13.95 27.86 -15.67
N GLY A 330 13.64 27.43 -16.89
CA GLY A 330 13.26 28.35 -17.96
C GLY A 330 11.99 29.10 -17.61
N HIS A 331 11.01 28.37 -17.09
CA HIS A 331 9.72 28.95 -16.67
C HIS A 331 9.90 30.03 -15.62
N VAL A 332 10.77 29.74 -14.65
CA VAL A 332 11.06 30.71 -13.59
C VAL A 332 11.85 31.89 -14.16
N ASN A 333 12.91 31.62 -14.92
CA ASN A 333 13.69 32.69 -15.56
C ASN A 333 12.84 33.62 -16.44
N GLY A 334 11.79 33.06 -17.03
CA GLY A 334 10.88 33.81 -17.91
C GLY A 334 9.67 34.42 -17.21
N GLY A 335 9.60 34.26 -15.89
CA GLY A 335 8.52 34.85 -15.10
C GLY A 335 7.16 34.18 -15.22
N VAL A 336 7.12 33.00 -15.84
CA VAL A 336 5.87 32.26 -16.05
C VAL A 336 5.44 31.57 -14.74
N ILE A 337 6.43 31.20 -13.93
CA ILE A 337 6.17 30.65 -12.60
C ILE A 337 6.90 31.58 -11.64
N PRO A 338 6.16 32.16 -10.67
CA PRO A 338 6.78 33.15 -9.79
C PRO A 338 7.66 32.50 -8.73
N MET A 339 8.63 33.26 -8.24
CA MET A 339 9.51 32.78 -7.20
C MET A 339 8.78 32.37 -5.92
N SER A 340 7.67 33.05 -5.63
CA SER A 340 6.85 32.72 -4.45
C SER A 340 6.39 31.27 -4.46
N ARG A 341 6.07 30.76 -5.66
CA ARG A 341 5.61 29.39 -5.84
C ARG A 341 6.75 28.41 -5.58
N ILE A 342 7.91 28.67 -6.18
CA ILE A 342 9.12 27.91 -5.93
C ILE A 342 9.46 27.93 -4.43
N ASP A 343 9.44 29.12 -3.84
CA ASP A 343 9.76 29.28 -2.41
C ASP A 343 8.80 28.52 -1.50
N ASP A 344 7.51 28.50 -1.87
CA ASP A 344 6.52 27.72 -1.14
C ASP A 344 6.81 26.21 -1.20
N ALA A 345 7.08 25.70 -2.40
CA ALA A 345 7.40 24.28 -2.56
C ALA A 345 8.62 23.89 -1.71
N VAL A 346 9.67 24.73 -1.79
CA VAL A 346 10.91 24.44 -1.06
C VAL A 346 10.72 24.56 0.45
N THR A 347 9.97 25.58 0.89
CA THR A 347 9.62 25.72 2.31
C THR A 347 9.03 24.42 2.85
N ARG A 348 8.09 23.85 2.09
CA ARG A 348 7.36 22.64 2.50
C ARG A 348 8.25 21.40 2.56
N ILE A 349 9.11 21.25 1.55
CA ILE A 349 10.04 20.14 1.48
C ILE A 349 11.05 20.23 2.64
N LEU A 350 11.67 21.41 2.81
CA LEU A 350 12.56 21.62 3.96
C LEU A 350 11.85 21.46 5.30
N ARG A 351 10.62 21.96 5.42
CA ARG A 351 9.87 21.79 6.67
C ARG A 351 9.82 20.31 7.11
N VAL A 352 9.45 19.45 6.16
CA VAL A 352 9.34 18.03 6.42
C VAL A 352 10.70 17.45 6.80
N LYS A 353 11.74 17.75 6.02
CA LYS A 353 13.12 17.27 6.33
C LYS A 353 13.64 17.72 7.70
N PHE A 354 13.49 19.00 8.02
CA PHE A 354 13.90 19.50 9.32
C PHE A 354 13.08 18.86 10.45
N THR A 355 11.77 18.80 10.24
CA THR A 355 10.86 18.28 11.27
C THR A 355 11.21 16.84 11.65
N MET A 356 11.52 16.02 10.64
CA MET A 356 11.73 14.58 10.87
C MET A 356 13.13 14.24 11.39
N GLY A 357 13.99 15.25 11.49
CA GLY A 357 15.33 15.06 12.03
C GLY A 357 16.39 14.71 11.00
N LEU A 358 16.05 14.88 9.72
CA LEU A 358 16.89 14.40 8.61
C LEU A 358 18.25 15.08 8.58
N PHE A 359 18.30 16.34 8.97
CA PHE A 359 19.56 17.09 9.02
C PHE A 359 20.47 16.59 10.13
N GLU A 360 19.87 16.03 11.18
CA GLU A 360 20.63 15.49 12.30
C GLU A 360 21.02 14.04 12.12
N ASN A 361 20.16 13.26 11.45
CA ASN A 361 20.45 11.87 11.14
C ASN A 361 20.22 11.54 9.66
N PRO A 362 21.11 12.06 8.79
CA PRO A 362 20.99 11.82 7.35
C PRO A 362 21.35 10.39 6.93
N TYR A 363 22.13 9.68 7.76
CA TYR A 363 22.63 8.35 7.39
C TYR A 363 21.90 7.20 8.11
N ALA A 364 21.96 6.01 7.51
CA ALA A 364 21.33 4.83 8.09
C ALA A 364 21.98 4.40 9.40
N ASP A 365 21.19 3.74 10.23
CA ASP A 365 21.67 3.16 11.48
C ASP A 365 21.91 1.66 11.29
N PRO A 366 23.19 1.22 11.29
CA PRO A 366 23.45 -0.21 11.07
C PRO A 366 22.78 -1.12 12.10
N ALA A 367 22.51 -0.59 13.29
CA ALA A 367 21.89 -1.38 14.37
C ALA A 367 20.41 -1.66 14.09
N MET A 368 19.84 -0.96 13.10
CA MET A 368 18.45 -1.17 12.69
C MET A 368 18.30 -2.29 11.67
N ALA A 369 19.41 -2.73 11.08
CA ALA A 369 19.32 -3.71 9.99
C ALA A 369 18.55 -4.96 10.43
N GLU A 370 18.73 -5.35 11.69
CA GLU A 370 18.11 -6.56 12.24
C GLU A 370 16.60 -6.49 12.42
N GLN A 371 16.01 -5.29 12.27
CA GLN A 371 14.56 -5.13 12.32
C GLN A 371 13.86 -5.76 11.10
N LEU A 372 14.60 -5.93 10.01
CA LEU A 372 14.03 -6.49 8.79
C LEU A 372 13.58 -7.95 9.02
N GLY A 373 12.31 -8.23 8.74
CA GLY A 373 11.75 -9.57 8.91
C GLY A 373 11.76 -10.09 10.34
N LYS A 374 11.84 -9.19 11.32
CA LYS A 374 11.99 -9.69 12.69
C LYS A 374 10.73 -10.44 13.16
N GLN A 375 10.94 -11.50 13.93
CA GLN A 375 9.86 -12.42 14.29
C GLN A 375 8.65 -11.75 14.93
N GLU A 376 8.87 -10.78 15.81
CA GLU A 376 7.76 -10.03 16.43
C GLU A 376 6.84 -9.42 15.37
N HIS A 377 7.45 -8.87 14.32
CA HIS A 377 6.71 -8.28 13.20
C HIS A 377 5.93 -9.36 12.43
N ARG A 378 6.56 -10.51 12.21
CA ARG A 378 5.85 -11.63 11.59
C ARG A 378 4.67 -12.11 12.45
N ASP A 379 4.85 -12.16 13.77
CA ASP A 379 3.76 -12.51 14.70
C ASP A 379 2.57 -11.52 14.53
N LEU A 380 2.90 -10.23 14.43
CA LEU A 380 1.88 -9.21 14.15
C LEU A 380 1.18 -9.42 12.79
N ALA A 381 1.95 -9.71 11.75
CA ALA A 381 1.42 -10.01 10.42
C ALA A 381 0.51 -11.24 10.47
N ARG A 382 0.92 -12.26 11.22
CA ARG A 382 0.13 -13.47 11.43
C ARG A 382 -1.23 -13.19 12.13
N GLU A 383 -1.19 -12.36 13.18
CA GLU A 383 -2.38 -11.86 13.85
C GLU A 383 -3.28 -11.11 12.83
N ALA A 384 -2.69 -10.20 12.07
CA ALA A 384 -3.44 -9.41 11.08
C ALA A 384 -4.10 -10.30 10.03
N ALA A 385 -3.34 -11.26 9.49
CA ALA A 385 -3.86 -12.18 8.49
C ALA A 385 -5.07 -12.94 9.05
N ARG A 386 -4.92 -13.51 10.24
CA ARG A 386 -6.01 -14.25 10.88
C ARG A 386 -7.25 -13.35 11.08
N LYS A 387 -7.03 -12.13 11.56
CA LYS A 387 -8.14 -11.19 11.79
C LYS A 387 -8.83 -10.70 10.50
N SER A 388 -8.12 -10.77 9.37
CA SER A 388 -8.64 -10.25 8.10
C SER A 388 -9.56 -11.27 7.43
N LEU A 389 -9.44 -12.55 7.81
CA LEU A 389 -10.21 -13.63 7.17
C LEU A 389 -11.71 -13.44 7.39
N VAL A 390 -12.49 -13.55 6.31
CA VAL A 390 -13.96 -13.50 6.43
C VAL A 390 -14.54 -14.87 6.10
N LEU A 391 -15.20 -15.48 7.07
CA LEU A 391 -15.86 -16.77 6.84
C LEU A 391 -17.20 -16.54 6.14
N LEU A 392 -17.29 -17.02 4.91
CA LEU A 392 -18.52 -16.83 4.10
C LEU A 392 -19.51 -17.99 4.17
N LYS A 393 -18.99 -19.18 4.45
CA LYS A 393 -19.81 -20.39 4.51
C LYS A 393 -19.14 -21.37 5.45
N ASN A 394 -19.93 -22.08 6.26
CA ASN A 394 -19.37 -23.09 7.13
C ASN A 394 -20.39 -24.21 7.31
N GLY A 395 -20.69 -24.90 6.21
CA GLY A 395 -21.67 -25.97 6.15
C GLY A 395 -22.61 -25.79 4.97
N LYS A 396 -22.86 -26.87 4.22
CA LYS A 396 -23.68 -26.82 3.00
C LYS A 396 -25.19 -26.64 3.23
N THR A 397 -25.69 -27.10 4.37
CA THR A 397 -27.09 -26.90 4.74
C THR A 397 -27.14 -26.46 6.19
N SER A 398 -28.30 -25.97 6.61
CA SER A 398 -28.49 -25.47 7.96
C SER A 398 -28.45 -26.61 8.99
N THR A 399 -28.42 -27.85 8.53
CA THR A 399 -28.35 -28.99 9.43
C THR A 399 -26.99 -29.73 9.41
N ASP A 400 -26.09 -29.27 8.55
CA ASP A 400 -24.74 -29.84 8.52
C ASP A 400 -23.94 -29.47 9.77
N ALA A 401 -23.05 -30.38 10.18
CA ALA A 401 -22.03 -30.04 11.14
C ALA A 401 -21.14 -28.92 10.56
N PRO A 402 -20.80 -27.93 11.39
CA PRO A 402 -19.83 -26.93 10.92
C PRO A 402 -18.47 -27.58 10.60
N LEU A 403 -17.93 -27.33 9.42
CA LEU A 403 -16.62 -27.90 9.05
C LEU A 403 -15.48 -27.28 9.86
N LEU A 404 -15.52 -25.96 10.00
CA LEU A 404 -14.51 -25.21 10.75
C LEU A 404 -15.01 -24.92 12.18
N PRO A 405 -14.12 -25.06 13.18
CA PRO A 405 -12.70 -25.42 13.02
C PRO A 405 -12.41 -26.90 12.76
N LEU A 406 -11.35 -27.17 11.99
CA LEU A 406 -10.92 -28.52 11.67
C LEU A 406 -10.08 -29.13 12.80
N PRO A 407 -10.11 -30.47 12.93
CA PRO A 407 -9.26 -31.12 13.91
C PRO A 407 -7.79 -31.16 13.46
N LYS A 408 -6.87 -30.86 14.38
CA LYS A 408 -5.44 -30.99 14.08
C LYS A 408 -4.96 -32.42 13.95
N LYS A 409 -5.73 -33.36 14.53
CA LYS A 409 -5.40 -34.77 14.48
C LYS A 409 -6.39 -35.54 13.60
N ALA A 410 -5.88 -36.14 12.53
CA ALA A 410 -6.67 -36.90 11.57
C ALA A 410 -5.69 -37.83 10.86
N PRO A 411 -6.12 -39.04 10.48
CA PRO A 411 -5.14 -39.95 9.87
C PRO A 411 -4.47 -39.37 8.63
N LYS A 412 -5.24 -38.74 7.75
CA LYS A 412 -4.70 -38.23 6.49
C LYS A 412 -5.51 -37.05 6.00
N ILE A 413 -4.82 -35.99 5.59
CA ILE A 413 -5.49 -34.81 5.05
C ILE A 413 -4.89 -34.34 3.73
N LEU A 414 -5.68 -33.64 2.94
CA LEU A 414 -5.25 -33.16 1.63
C LEU A 414 -5.15 -31.65 1.62
N VAL A 415 -4.02 -31.13 1.15
CA VAL A 415 -3.87 -29.71 0.87
C VAL A 415 -3.71 -29.58 -0.65
N ALA A 416 -4.52 -28.71 -1.26
CA ALA A 416 -4.61 -28.63 -2.72
C ALA A 416 -4.83 -27.22 -3.28
N GLY A 417 -4.58 -27.05 -4.57
CA GLY A 417 -4.91 -25.79 -5.23
C GLY A 417 -3.67 -25.02 -5.60
N SER A 418 -3.81 -24.22 -6.65
CA SER A 418 -2.73 -23.35 -7.17
C SER A 418 -2.18 -22.38 -6.11
N HIS A 419 -3.00 -22.06 -5.12
CA HIS A 419 -2.63 -21.06 -4.10
C HIS A 419 -2.26 -21.67 -2.75
N ALA A 420 -2.23 -23.00 -2.66
CA ALA A 420 -1.88 -23.67 -1.40
C ALA A 420 -0.40 -23.58 -1.04
N ASP A 421 0.46 -23.61 -2.05
CA ASP A 421 1.90 -23.58 -1.82
C ASP A 421 2.58 -22.56 -2.75
N ASN A 422 2.13 -21.32 -2.67
CA ASN A 422 2.66 -20.27 -3.55
C ASN A 422 2.69 -18.94 -2.79
N LEU A 423 3.87 -18.66 -2.24
CA LEU A 423 4.07 -17.47 -1.41
C LEU A 423 3.77 -16.20 -2.19
N GLY A 424 4.27 -16.10 -3.42
CA GLY A 424 3.99 -14.92 -4.25
C GLY A 424 2.51 -14.69 -4.46
N TYR A 425 1.75 -15.76 -4.73
CA TYR A 425 0.29 -15.63 -4.91
C TYR A 425 -0.40 -15.14 -3.64
N GLN A 426 0.03 -15.62 -2.47
CA GLN A 426 -0.65 -15.22 -1.24
C GLN A 426 -0.31 -13.77 -0.85
N CYS A 427 0.78 -13.25 -1.40
CA CYS A 427 1.18 -11.85 -1.14
C CYS A 427 0.58 -10.86 -2.11
N GLY A 428 0.34 -11.29 -3.36
CA GLY A 428 -0.25 -10.40 -4.37
C GLY A 428 0.72 -9.32 -4.86
N GLY A 429 0.18 -8.28 -5.49
CA GLY A 429 1.01 -7.20 -6.04
C GLY A 429 1.83 -6.45 -5.00
N TRP A 430 2.73 -5.57 -5.48
CA TRP A 430 3.65 -4.82 -4.62
C TRP A 430 4.36 -5.77 -3.66
N THR A 431 4.90 -6.88 -4.18
CA THR A 431 5.69 -7.78 -3.35
C THR A 431 6.90 -8.25 -4.14
N ILE A 432 8.07 -7.76 -3.75
CA ILE A 432 9.38 -8.02 -4.42
C ILE A 432 9.46 -7.37 -5.80
N GLU A 433 8.52 -7.72 -6.67
CA GLU A 433 8.36 -7.02 -7.94
C GLU A 433 7.19 -6.05 -7.85
N TRP A 434 7.16 -5.07 -8.74
CA TRP A 434 6.00 -4.17 -8.85
C TRP A 434 4.66 -4.93 -8.91
N GLN A 435 4.56 -5.85 -9.88
CA GLN A 435 3.34 -6.64 -10.14
C GLN A 435 3.17 -7.87 -9.23
N GLY A 436 4.06 -8.02 -8.24
CA GLY A 436 4.18 -9.28 -7.51
C GLY A 436 4.71 -10.37 -8.44
N ASP A 437 4.67 -11.62 -8.00
CA ASP A 437 5.31 -12.69 -8.75
C ASP A 437 4.80 -14.03 -8.23
N THR A 438 5.25 -15.11 -8.87
CA THR A 438 4.82 -16.45 -8.51
C THR A 438 5.92 -17.21 -7.77
N GLY A 439 5.53 -18.05 -6.81
CA GLY A 439 6.46 -18.96 -6.13
C GLY A 439 7.12 -18.39 -4.90
N ARG A 440 8.30 -18.91 -4.59
CA ARG A 440 8.98 -18.59 -3.33
C ARG A 440 9.89 -17.36 -3.55
N THR A 441 9.26 -16.19 -3.54
CA THR A 441 9.92 -14.94 -3.91
C THR A 441 10.59 -14.24 -2.72
N THR A 442 10.26 -14.69 -1.51
CA THR A 442 10.80 -14.09 -0.29
C THR A 442 10.71 -15.08 0.88
N VAL A 443 10.97 -14.60 2.11
CA VAL A 443 10.90 -15.46 3.28
C VAL A 443 9.45 -15.42 3.79
N GLY A 444 8.87 -16.58 3.99
CA GLY A 444 7.48 -16.65 4.45
C GLY A 444 7.05 -18.09 4.59
N THR A 445 5.76 -18.26 4.85
CA THR A 445 5.18 -19.56 5.14
C THR A 445 3.91 -19.70 4.31
N THR A 446 3.90 -20.67 3.39
CA THR A 446 2.71 -20.88 2.56
C THR A 446 1.62 -21.56 3.39
N ILE A 447 0.41 -21.64 2.84
CA ILE A 447 -0.69 -22.35 3.49
C ILE A 447 -0.32 -23.82 3.76
N LEU A 448 0.27 -24.50 2.77
CA LEU A 448 0.76 -25.87 2.95
C LEU A 448 1.74 -26.00 4.13
N GLU A 449 2.74 -25.12 4.16
CA GLU A 449 3.75 -25.14 5.23
C GLU A 449 3.09 -24.86 6.59
N ALA A 450 2.16 -23.90 6.61
CA ALA A 450 1.36 -23.61 7.81
C ALA A 450 0.57 -24.82 8.30
N VAL A 451 -0.08 -25.53 7.39
CA VAL A 451 -0.79 -26.79 7.74
C VAL A 451 0.15 -27.80 8.41
N LYS A 452 1.27 -28.08 7.75
CA LYS A 452 2.29 -29.00 8.26
C LYS A 452 2.82 -28.59 9.63
N ALA A 453 2.94 -27.28 9.86
CA ALA A 453 3.41 -26.72 11.13
C ALA A 453 2.34 -26.81 12.23
N ALA A 454 1.08 -26.94 11.84
CA ALA A 454 -0.05 -26.90 12.81
C ALA A 454 -0.52 -28.27 13.28
N VAL A 455 -0.52 -29.24 12.37
CA VAL A 455 -1.18 -30.51 12.65
C VAL A 455 -0.42 -31.41 13.61
N ASP A 456 -1.17 -32.31 14.24
CA ASP A 456 -0.59 -33.35 15.10
C ASP A 456 0.47 -34.13 14.33
N PRO A 457 1.54 -34.60 15.02
CA PRO A 457 2.57 -35.39 14.34
C PRO A 457 2.03 -36.66 13.67
N SER A 458 0.94 -37.21 14.17
CA SER A 458 0.34 -38.41 13.56
C SER A 458 -0.43 -38.14 12.27
N THR A 459 -0.71 -36.88 11.95
CA THR A 459 -1.52 -36.68 10.76
C THR A 459 -0.67 -36.53 9.52
N VAL A 460 -0.99 -37.35 8.53
CA VAL A 460 -0.28 -37.35 7.26
C VAL A 460 -0.86 -36.24 6.37
N VAL A 461 0.00 -35.32 5.96
CA VAL A 461 -0.38 -34.24 5.05
C VAL A 461 0.05 -34.59 3.63
N VAL A 462 -0.91 -34.60 2.71
CA VAL A 462 -0.62 -34.84 1.31
C VAL A 462 -0.87 -33.54 0.54
N PHE A 463 0.10 -33.15 -0.28
CA PHE A 463 -0.08 -32.00 -1.17
C PHE A 463 -0.29 -32.48 -2.60
N ALA A 464 -1.30 -31.91 -3.26
CA ALA A 464 -1.49 -32.12 -4.70
C ALA A 464 -2.02 -30.82 -5.26
N GLU A 465 -1.29 -30.23 -6.21
CA GLU A 465 -1.68 -28.91 -6.70
C GLU A 465 -3.04 -28.90 -7.42
N ASN A 466 -3.27 -29.90 -8.26
CA ASN A 466 -4.51 -29.98 -9.02
C ASN A 466 -4.93 -31.43 -9.18
N PRO A 467 -5.37 -32.07 -8.09
CA PRO A 467 -5.70 -33.49 -8.14
C PRO A 467 -7.01 -33.72 -8.88
N ASP A 468 -7.15 -34.86 -9.55
CA ASP A 468 -8.45 -35.17 -10.13
C ASP A 468 -9.36 -35.79 -9.10
N ALA A 469 -10.64 -35.90 -9.45
CA ALA A 469 -11.67 -36.36 -8.55
C ALA A 469 -11.38 -37.75 -7.99
N GLU A 470 -10.89 -38.64 -8.85
CA GLU A 470 -10.59 -40.01 -8.45
C GLU A 470 -9.48 -40.10 -7.40
N PHE A 471 -8.43 -39.31 -7.58
CA PHE A 471 -7.32 -39.24 -6.63
C PHE A 471 -7.85 -38.88 -5.24
N VAL A 472 -8.73 -37.88 -5.19
CA VAL A 472 -9.31 -37.43 -3.92
C VAL A 472 -10.21 -38.50 -3.29
N LYS A 473 -11.11 -39.08 -4.09
CA LYS A 473 -12.06 -40.07 -3.58
C LYS A 473 -11.38 -41.34 -3.07
N SER A 474 -10.27 -41.74 -3.71
CA SER A 474 -9.55 -42.95 -3.27
C SER A 474 -8.46 -42.70 -2.22
N GLY A 475 -8.26 -41.44 -1.82
CA GLY A 475 -7.13 -41.08 -0.98
C GLY A 475 -7.20 -41.36 0.50
N GLY A 476 -8.38 -41.74 1.00
CA GLY A 476 -8.55 -41.93 2.44
C GLY A 476 -8.37 -40.67 3.27
N PHE A 477 -8.81 -39.54 2.73
CA PHE A 477 -8.65 -38.24 3.41
C PHE A 477 -9.80 -37.96 4.38
N SER A 478 -9.47 -37.31 5.50
CA SER A 478 -10.47 -36.89 6.48
C SER A 478 -11.17 -35.60 6.05
N TYR A 479 -10.41 -34.70 5.45
CA TYR A 479 -10.92 -33.45 4.86
C TYR A 479 -9.83 -32.89 3.96
N ALA A 480 -10.17 -31.81 3.24
CA ALA A 480 -9.21 -31.13 2.40
C ALA A 480 -9.26 -29.63 2.64
N ILE A 481 -8.10 -29.00 2.49
CA ILE A 481 -8.01 -27.55 2.45
C ILE A 481 -7.54 -27.19 1.04
N VAL A 482 -8.34 -26.42 0.33
CA VAL A 482 -8.05 -26.12 -1.08
C VAL A 482 -7.98 -24.60 -1.26
N ALA A 483 -6.87 -24.11 -1.83
CA ALA A 483 -6.65 -22.68 -1.93
C ALA A 483 -6.50 -22.27 -3.38
N VAL A 484 -7.31 -21.31 -3.79
CA VAL A 484 -7.33 -20.84 -5.18
C VAL A 484 -7.59 -19.34 -5.21
N GLY A 485 -7.52 -18.74 -6.39
CA GLY A 485 -7.87 -17.32 -6.50
C GLY A 485 -7.12 -16.54 -7.56
N GLU A 486 -6.99 -15.23 -7.33
CA GLU A 486 -6.37 -14.31 -8.28
C GLU A 486 -4.86 -14.43 -8.30
N HIS A 487 -4.28 -14.07 -9.45
CA HIS A 487 -2.83 -13.94 -9.54
C HIS A 487 -2.41 -12.53 -9.17
N PRO A 488 -1.14 -12.33 -8.80
CA PRO A 488 -0.71 -10.99 -8.39
C PRO A 488 -0.87 -9.95 -9.51
N TYR A 489 -1.30 -8.77 -9.14
CA TYR A 489 -1.41 -7.64 -10.12
C TYR A 489 -1.30 -6.33 -9.36
N THR A 490 -1.01 -5.28 -10.12
CA THR A 490 -0.82 -3.94 -9.58
C THR A 490 -1.29 -2.92 -10.62
N GLU A 491 -2.01 -1.91 -10.13
CA GLU A 491 -2.42 -0.76 -10.95
C GLU A 491 -3.21 -1.25 -12.20
N THR A 492 -2.88 -0.76 -13.39
CA THR A 492 -3.71 -1.03 -14.57
C THR A 492 -3.81 -2.51 -14.94
N LYS A 493 -2.73 -3.25 -14.71
CA LYS A 493 -2.72 -4.70 -14.96
C LYS A 493 -3.77 -5.43 -14.14
N GLY A 494 -4.22 -4.80 -13.04
CA GLY A 494 -5.28 -5.39 -12.21
C GLY A 494 -6.73 -5.05 -12.57
N ASP A 495 -6.92 -4.07 -13.46
CA ASP A 495 -8.25 -3.70 -13.93
C ASP A 495 -8.87 -4.94 -14.58
N ASN A 496 -10.11 -5.26 -14.23
CA ASN A 496 -10.68 -6.54 -14.59
C ASN A 496 -12.20 -6.41 -14.63
N LEU A 497 -12.78 -6.59 -15.83
CA LEU A 497 -14.23 -6.40 -16.04
C LEU A 497 -15.10 -7.62 -15.72
N ASN A 498 -14.47 -8.80 -15.61
CA ASN A 498 -15.22 -10.06 -15.45
C ASN A 498 -15.14 -10.63 -14.03
N LEU A 499 -14.06 -10.26 -13.32
CA LEU A 499 -13.82 -10.66 -11.94
C LEU A 499 -14.08 -12.16 -11.68
N THR A 500 -13.57 -12.96 -12.59
CA THR A 500 -13.65 -14.42 -12.52
C THR A 500 -12.23 -14.95 -12.31
N ILE A 501 -12.05 -15.79 -11.31
CA ILE A 501 -10.71 -16.29 -11.01
C ILE A 501 -10.16 -17.17 -12.15
N PRO A 502 -8.83 -17.11 -12.37
CA PRO A 502 -8.19 -17.93 -13.39
C PRO A 502 -8.31 -19.42 -13.11
N GLU A 503 -8.31 -20.20 -14.18
CA GLU A 503 -8.36 -21.66 -14.07
C GLU A 503 -6.94 -22.23 -14.23
N PRO A 504 -6.66 -23.37 -13.59
CA PRO A 504 -7.57 -24.14 -12.72
C PRO A 504 -7.75 -23.45 -11.36
N GLY A 505 -8.99 -23.42 -10.91
CA GLY A 505 -9.34 -22.84 -9.62
C GLY A 505 -10.63 -23.47 -9.19
N LEU A 506 -11.71 -23.05 -9.85
CA LEU A 506 -13.01 -23.64 -9.66
C LEU A 506 -13.00 -25.14 -9.94
N SER A 507 -12.32 -25.55 -11.02
CA SER A 507 -12.22 -26.97 -11.41
C SER A 507 -11.59 -27.80 -10.28
N THR A 508 -10.53 -27.26 -9.67
CA THR A 508 -9.85 -27.92 -8.55
C THR A 508 -10.75 -28.05 -7.32
N VAL A 509 -11.37 -26.93 -6.92
CA VAL A 509 -12.36 -26.94 -5.83
C VAL A 509 -13.46 -27.99 -6.09
N GLN A 510 -14.06 -27.97 -7.29
CA GLN A 510 -15.09 -28.96 -7.62
C GLN A 510 -14.58 -30.41 -7.51
N ALA A 511 -13.37 -30.66 -8.00
CA ALA A 511 -12.80 -32.00 -7.94
C ALA A 511 -12.48 -32.44 -6.49
N VAL A 512 -11.89 -31.54 -5.72
CA VAL A 512 -11.53 -31.84 -4.33
C VAL A 512 -12.78 -32.02 -3.47
N CYS A 513 -13.67 -31.03 -3.50
CA CYS A 513 -14.90 -31.06 -2.69
C CYS A 513 -15.87 -32.19 -3.10
N GLY A 514 -15.82 -32.58 -4.37
CA GLY A 514 -16.60 -33.72 -4.83
C GLY A 514 -16.20 -35.02 -4.15
N GLY A 515 -14.96 -35.07 -3.64
CA GLY A 515 -14.39 -36.33 -3.14
C GLY A 515 -14.25 -36.42 -1.63
N VAL A 516 -14.21 -35.26 -0.96
CA VAL A 516 -14.06 -35.21 0.51
C VAL A 516 -14.57 -33.86 1.01
N ARG A 517 -15.01 -33.79 2.27
CA ARG A 517 -15.42 -32.51 2.84
C ARG A 517 -14.24 -31.51 2.73
N CYS A 518 -14.53 -30.26 2.34
CA CYS A 518 -13.46 -29.31 1.98
C CYS A 518 -13.66 -27.92 2.55
N ALA A 519 -12.57 -27.31 3.01
CA ALA A 519 -12.51 -25.88 3.32
C ALA A 519 -11.79 -25.17 2.17
N THR A 520 -12.50 -24.26 1.50
CA THR A 520 -11.90 -23.51 0.38
C THR A 520 -11.39 -22.18 0.88
N VAL A 521 -10.12 -21.93 0.59
CA VAL A 521 -9.53 -20.65 0.96
C VAL A 521 -9.39 -19.82 -0.33
N LEU A 522 -10.14 -18.73 -0.39
CA LEU A 522 -10.12 -17.86 -1.57
C LEU A 522 -9.13 -16.70 -1.40
N ILE A 523 -8.12 -16.65 -2.27
CA ILE A 523 -7.08 -15.60 -2.26
C ILE A 523 -7.44 -14.59 -3.35
N SER A 524 -7.67 -13.34 -2.97
CA SER A 524 -8.11 -12.32 -3.93
C SER A 524 -7.88 -10.93 -3.39
N GLY A 525 -7.85 -9.94 -4.28
CA GLY A 525 -7.68 -8.57 -3.82
C GLY A 525 -9.01 -7.86 -3.63
N ARG A 526 -10.10 -8.61 -3.75
CA ARG A 526 -11.44 -8.01 -3.94
C ARG A 526 -12.47 -9.12 -4.02
N PRO A 527 -13.76 -8.77 -3.89
CA PRO A 527 -14.79 -9.74 -4.22
C PRO A 527 -14.64 -10.19 -5.68
N VAL A 528 -14.86 -11.48 -5.91
CA VAL A 528 -14.86 -12.08 -7.24
C VAL A 528 -16.08 -12.98 -7.35
N VAL A 529 -16.44 -13.37 -8.58
CA VAL A 529 -17.60 -14.24 -8.80
C VAL A 529 -17.41 -15.50 -7.95
N VAL A 530 -18.33 -15.73 -7.02
CA VAL A 530 -18.09 -16.71 -5.97
C VAL A 530 -19.18 -17.79 -5.81
N GLN A 531 -20.35 -17.62 -6.44
CA GLN A 531 -21.42 -18.63 -6.31
C GLN A 531 -21.00 -20.07 -6.67
N PRO A 532 -20.32 -20.30 -7.83
CA PRO A 532 -19.85 -21.65 -8.15
C PRO A 532 -18.89 -22.24 -7.10
N LEU A 533 -17.92 -21.43 -6.63
CA LEU A 533 -17.04 -21.83 -5.53
C LEU A 533 -17.82 -22.17 -4.26
N LEU A 534 -18.78 -21.33 -3.92
CA LEU A 534 -19.66 -21.56 -2.77
C LEU A 534 -20.44 -22.87 -2.91
N ALA A 535 -21.03 -23.07 -4.09
CA ALA A 535 -21.84 -24.25 -4.38
C ALA A 535 -21.08 -25.57 -4.13
N ALA A 536 -19.80 -25.58 -4.49
CA ALA A 536 -18.97 -26.76 -4.34
C ALA A 536 -18.49 -26.99 -2.90
N SER A 537 -18.32 -25.90 -2.15
CA SER A 537 -17.55 -25.95 -0.89
C SER A 537 -18.41 -26.23 0.35
N ASP A 538 -17.85 -26.98 1.31
CA ASP A 538 -18.49 -27.13 2.61
C ASP A 538 -18.27 -25.84 3.41
N ALA A 539 -17.05 -25.34 3.39
CA ALA A 539 -16.74 -24.04 3.98
C ALA A 539 -15.93 -23.20 2.99
N LEU A 540 -16.06 -21.89 3.08
CA LEU A 540 -15.30 -21.01 2.22
C LEU A 540 -14.87 -19.78 3.00
N VAL A 541 -13.59 -19.44 2.88
CA VAL A 541 -13.01 -18.29 3.56
C VAL A 541 -12.47 -17.31 2.50
N ALA A 542 -12.88 -16.05 2.61
CA ALA A 542 -12.23 -14.98 1.86
C ALA A 542 -10.99 -14.54 2.65
N ALA A 543 -9.80 -14.92 2.16
CA ALA A 543 -8.54 -14.63 2.87
C ALA A 543 -7.85 -13.38 2.33
N TRP A 544 -8.42 -12.79 1.27
CA TRP A 544 -7.86 -11.58 0.65
C TRP A 544 -6.41 -11.86 0.19
N LEU A 545 -5.48 -10.94 0.48
CA LEU A 545 -4.07 -11.17 0.13
C LEU A 545 -3.26 -11.10 1.44
N PRO A 546 -3.20 -12.23 2.18
CA PRO A 546 -2.78 -12.21 3.59
C PRO A 546 -1.30 -11.94 3.86
N GLY A 547 -0.45 -11.97 2.83
CA GLY A 547 0.96 -11.69 3.04
C GLY A 547 1.85 -12.90 3.29
N SER A 548 3.00 -12.65 3.91
CA SER A 548 4.03 -13.70 4.07
C SER A 548 3.68 -14.74 5.13
N GLU A 549 2.75 -14.42 6.03
CA GLU A 549 2.50 -15.26 7.22
C GLU A 549 1.27 -16.16 7.11
N GLY A 550 1.42 -17.23 6.34
CA GLY A 550 0.32 -18.15 6.05
C GLY A 550 -0.25 -18.87 7.27
N GLN A 551 0.51 -18.90 8.36
CA GLN A 551 -0.01 -19.45 9.60
C GLN A 551 -1.20 -18.65 10.16
N GLY A 552 -1.38 -17.40 9.71
CA GLY A 552 -2.59 -16.65 10.04
C GLY A 552 -3.85 -17.38 9.55
N VAL A 553 -3.75 -17.98 8.37
CA VAL A 553 -4.85 -18.75 7.81
C VAL A 553 -5.16 -19.99 8.66
N THR A 554 -4.15 -20.78 8.97
CA THR A 554 -4.35 -22.01 9.73
C THR A 554 -4.72 -21.76 11.19
N ASP A 555 -4.32 -20.60 11.75
CA ASP A 555 -4.73 -20.23 13.12
C ASP A 555 -6.25 -20.23 13.27
N ALA A 556 -6.95 -19.82 12.21
CA ALA A 556 -8.41 -19.83 12.21
C ALA A 556 -8.98 -21.17 11.72
N LEU A 557 -8.39 -21.74 10.66
CA LEU A 557 -8.85 -23.04 10.14
C LEU A 557 -8.91 -24.14 11.20
N PHE A 558 -7.92 -24.16 12.11
CA PHE A 558 -7.82 -25.23 13.11
C PHE A 558 -8.31 -24.79 14.50
N GLY A 559 -8.88 -23.59 14.58
CA GLY A 559 -9.59 -23.16 15.77
C GLY A 559 -8.74 -22.68 16.93
N ASP A 560 -7.49 -22.33 16.67
CA ASP A 560 -6.69 -21.63 17.69
C ASP A 560 -7.29 -20.27 18.03
N PHE A 561 -7.95 -19.67 17.04
CA PHE A 561 -8.69 -18.43 17.21
C PHE A 561 -9.97 -18.56 16.42
N GLY A 562 -11.02 -17.89 16.88
CA GLY A 562 -12.27 -17.87 16.12
C GLY A 562 -12.18 -16.89 14.96
N PHE A 563 -12.99 -17.11 13.92
CA PHE A 563 -13.14 -16.12 12.85
C PHE A 563 -13.87 -14.89 13.34
N THR A 564 -13.35 -13.70 13.01
CA THR A 564 -14.00 -12.43 13.40
C THR A 564 -14.08 -11.38 12.27
N GLY A 565 -13.36 -11.59 11.18
CA GLY A 565 -13.34 -10.63 10.07
C GLY A 565 -14.75 -10.42 9.50
N ARG A 566 -15.03 -9.21 9.06
CA ARG A 566 -16.31 -8.92 8.41
C ARG A 566 -16.05 -8.18 7.10
N LEU A 567 -16.86 -8.43 6.07
CA LEU A 567 -16.60 -7.86 4.74
C LEU A 567 -16.46 -6.35 4.86
N PRO A 568 -15.35 -5.78 4.34
CA PRO A 568 -15.20 -4.32 4.27
C PRO A 568 -15.73 -3.74 2.95
N ARG A 569 -16.29 -4.60 2.13
CA ARG A 569 -16.81 -4.28 0.79
C ARG A 569 -18.04 -5.12 0.56
N THR A 570 -18.92 -4.64 -0.30
CA THR A 570 -20.06 -5.41 -0.79
C THR A 570 -19.59 -6.57 -1.67
N TRP A 571 -20.18 -7.75 -1.46
CA TRP A 571 -19.95 -8.86 -2.37
C TRP A 571 -21.12 -8.92 -3.35
N PHE A 572 -20.84 -8.66 -4.62
CA PHE A 572 -21.85 -8.57 -5.67
C PHE A 572 -22.32 -9.97 -6.08
N LYS A 573 -23.53 -10.04 -6.62
CA LYS A 573 -24.04 -11.26 -7.25
C LYS A 573 -23.45 -11.44 -8.65
N SER A 574 -23.34 -10.34 -9.39
CA SER A 574 -22.73 -10.34 -10.73
C SER A 574 -22.14 -8.99 -11.07
N VAL A 575 -21.17 -8.99 -11.98
CA VAL A 575 -20.45 -7.76 -12.36
C VAL A 575 -21.34 -6.75 -13.09
N ASP A 576 -22.43 -7.22 -13.68
CA ASP A 576 -23.34 -6.32 -14.38
C ASP A 576 -24.15 -5.43 -13.42
N GLN A 577 -24.04 -5.71 -12.12
CA GLN A 577 -24.61 -4.85 -11.08
C GLN A 577 -23.74 -3.62 -10.78
N LEU A 578 -22.47 -3.69 -11.16
CA LEU A 578 -21.48 -2.71 -10.70
C LEU A 578 -21.54 -1.39 -11.48
N PRO A 579 -21.26 -0.27 -10.79
CA PRO A 579 -20.90 -0.19 -9.36
C PRO A 579 -22.14 -0.38 -8.47
N MET A 580 -21.93 -0.99 -7.30
CA MET A 580 -23.02 -1.21 -6.36
C MET A 580 -22.48 -1.15 -4.94
N ASN A 581 -22.88 -0.12 -4.20
CA ASN A 581 -22.32 0.14 -2.87
C ASN A 581 -23.40 0.24 -1.81
N VAL A 582 -23.05 -0.12 -0.57
CA VAL A 582 -24.01 -0.05 0.54
C VAL A 582 -24.59 1.35 0.65
N GLY A 583 -25.91 1.43 0.49
CA GLY A 583 -26.61 2.71 0.49
C GLY A 583 -27.28 3.06 -0.82
N ASP A 584 -26.92 2.37 -1.90
CA ASP A 584 -27.49 2.66 -3.22
C ASP A 584 -28.95 2.27 -3.31
N ALA A 585 -29.69 2.96 -4.17
CA ALA A 585 -31.10 2.67 -4.43
C ALA A 585 -31.28 1.22 -4.87
N HIS A 586 -30.45 0.78 -5.82
CA HIS A 586 -30.38 -0.63 -6.12
C HIS A 586 -29.22 -1.20 -5.33
N TYR A 587 -29.55 -1.95 -4.30
CA TYR A 587 -28.54 -2.66 -3.56
C TYR A 587 -29.06 -4.07 -3.37
N ASP A 588 -28.42 -5.01 -4.06
CA ASP A 588 -28.84 -6.41 -4.05
C ASP A 588 -27.59 -7.29 -3.98
N PRO A 589 -26.91 -7.28 -2.81
CA PRO A 589 -25.64 -7.98 -2.67
C PRO A 589 -25.82 -9.49 -2.50
N LEU A 590 -24.81 -10.25 -2.88
CA LEU A 590 -24.72 -11.63 -2.47
C LEU A 590 -24.45 -11.67 -0.96
N PHE A 591 -23.48 -10.88 -0.51
CA PHE A 591 -23.21 -10.69 0.90
C PHE A 591 -23.04 -9.18 1.10
N ARG A 592 -23.76 -8.63 2.08
CA ARG A 592 -23.70 -7.20 2.37
C ARG A 592 -22.38 -6.83 3.04
N LEU A 593 -21.99 -5.55 2.91
CA LEU A 593 -20.87 -5.04 3.70
C LEU A 593 -21.13 -5.37 5.18
N GLY A 594 -20.10 -5.87 5.86
CA GLY A 594 -20.22 -6.17 7.29
C GLY A 594 -20.57 -7.62 7.58
N TYR A 595 -20.88 -8.38 6.54
CA TYR A 595 -21.23 -9.80 6.69
C TYR A 595 -20.00 -10.59 7.11
N GLY A 596 -20.19 -11.53 8.03
CA GLY A 596 -19.11 -12.47 8.34
C GLY A 596 -19.60 -13.48 9.34
N LEU A 597 -19.40 -14.75 9.05
CA LEU A 597 -19.71 -15.83 9.98
C LEU A 597 -18.62 -15.93 11.04
N THR A 598 -18.95 -16.47 12.21
CA THR A 598 -17.94 -16.60 13.26
C THR A 598 -17.76 -18.05 13.68
N THR A 599 -16.63 -18.32 14.33
CA THR A 599 -16.44 -19.57 15.03
C THR A 599 -15.85 -19.19 16.38
N ASN A 600 -15.79 -20.17 17.28
CA ASN A 600 -15.08 -20.01 18.54
C ASN A 600 -13.87 -20.93 18.61
N ALA A 601 -12.82 -20.45 19.25
CA ALA A 601 -11.57 -21.19 19.42
C ALA A 601 -11.81 -22.56 20.09
N THR A 602 -11.19 -23.60 19.52
CA THR A 602 -11.16 -24.92 20.13
C THR A 602 -9.82 -25.13 20.82
C1 NAG B . -10.56 6.78 -19.51
C2 NAG B . -9.75 7.95 -20.11
C3 NAG B . -9.97 8.06 -21.62
C4 NAG B . -9.77 6.71 -22.32
C5 NAG B . -10.64 5.64 -21.64
C6 NAG B . -10.45 4.24 -22.22
C7 NAG B . -9.37 9.80 -18.54
C8 NAG B . -9.88 11.09 -18.00
N2 NAG B . -10.12 9.19 -19.46
O3 NAG B . -9.08 8.99 -22.17
O4 NAG B . -10.10 6.87 -23.69
O5 NAG B . -10.34 5.59 -20.26
O6 NAG B . -9.07 3.93 -22.24
O7 NAG B . -8.29 9.34 -18.13
C1 NAG B . -9.03 6.44 -24.56
C2 NAG B . -9.63 6.07 -25.93
C3 NAG B . -8.54 5.69 -26.94
C4 NAG B . -7.32 6.60 -26.89
C5 NAG B . -6.91 6.96 -25.46
C6 NAG B . -5.83 8.03 -25.44
C7 NAG B . -11.89 5.14 -25.81
C8 NAG B . -12.70 3.93 -26.17
N2 NAG B . -10.57 4.97 -25.80
O3 NAG B . -9.11 5.71 -28.23
O4 NAG B . -6.25 5.97 -27.57
O5 NAG B . -8.04 7.42 -24.73
O6 NAG B . -5.63 8.50 -24.12
O7 NAG B . -12.46 6.20 -25.55
C1 BMA B . -5.97 6.64 -28.83
C2 BMA B . -4.65 6.13 -29.39
C3 BMA B . -4.32 6.89 -30.69
C4 BMA B . -5.50 6.92 -31.66
C5 BMA B . -6.83 7.24 -30.97
C6 BMA B . -8.02 6.97 -31.90
O2 BMA B . -4.74 4.73 -29.63
O3 BMA B . -3.18 6.31 -31.32
O4 BMA B . -5.25 7.87 -32.67
O5 BMA B . -7.00 6.46 -29.79
O6 BMA B . -9.15 7.73 -31.48
C1 NAG C . -11.05 -11.45 -16.93
C2 NAG C . -10.54 -12.54 -17.88
C3 NAG C . -9.04 -12.81 -17.64
C4 NAG C . -8.20 -11.52 -17.64
C5 NAG C . -8.88 -10.43 -16.78
C6 NAG C . -8.18 -9.08 -16.88
C7 NAG C . -12.21 -14.15 -18.63
C8 NAG C . -13.08 -15.32 -18.26
N2 NAG C . -11.34 -13.74 -17.71
O3 NAG C . -8.52 -13.70 -18.60
O4 NAG C . -6.92 -11.83 -17.10
O5 NAG C . -10.27 -10.29 -17.09
O6 NAG C . -8.30 -8.54 -18.18
O7 NAG C . -12.31 -13.62 -19.73
C1 NAG C . -5.83 -11.45 -17.97
C2 NAG C . -4.48 -11.52 -17.22
C3 NAG C . -3.31 -11.16 -18.14
C4 NAG C . -3.39 -11.85 -19.52
C5 NAG C . -4.82 -11.83 -20.10
C6 NAG C . -4.96 -12.75 -21.31
C7 NAG C . -4.41 -11.14 -14.77
C8 NAG C . -4.64 -12.60 -14.54
N2 NAG C . -4.46 -10.68 -16.03
O3 NAG C . -2.09 -11.50 -17.51
O4 NAG C . -2.51 -11.17 -20.41
O5 NAG C . -5.77 -12.25 -19.14
O6 NAG C . -6.25 -12.57 -21.84
O7 NAG C . -4.19 -10.40 -13.79
C1 BMA C . -1.45 -12.05 -20.85
C2 BMA C . -0.57 -11.30 -21.86
C3 BMA C . 0.52 -12.24 -22.38
C4 BMA C . 1.27 -12.94 -21.23
C5 BMA C . 0.26 -13.56 -20.25
C6 BMA C . 0.93 -14.26 -19.06
O2 BMA C . 0.01 -10.19 -21.23
O3 BMA C . 1.43 -11.51 -23.19
O4 BMA C . 2.12 -13.95 -21.74
O5 BMA C . -0.65 -12.56 -19.80
O6 BMA C . -0.06 -14.37 -18.08
C1 MAN C . 0.36 -15.12 -16.93
C2 MAN C . -0.88 -15.50 -16.13
C3 MAN C . -1.52 -14.25 -15.52
C4 MAN C . -0.50 -13.47 -14.69
C5 MAN C . 0.75 -13.19 -15.54
C6 MAN C . 1.86 -12.48 -14.76
O2 MAN C . -0.54 -16.36 -15.06
O3 MAN C . -2.59 -14.63 -14.68
O4 MAN C . -1.08 -12.27 -14.24
O5 MAN C . 1.27 -14.42 -16.07
O6 MAN C . 2.99 -12.35 -15.60
C1 NAG C . -0.57 -17.75 -15.42
C2 NAG C . 0.30 -18.48 -14.38
C3 NAG C . 0.28 -19.99 -14.62
C4 NAG C . -1.16 -20.48 -14.66
C5 NAG C . -1.98 -19.69 -15.70
C6 NAG C . -3.44 -20.13 -15.69
C7 NAG C . 2.04 -17.00 -13.49
C8 NAG C . 3.41 -16.43 -13.73
N2 NAG C . 1.65 -17.94 -14.36
O3 NAG C . 0.98 -20.65 -13.58
O4 NAG C . -1.21 -21.86 -14.94
O5 NAG C . -1.89 -18.29 -15.47
O6 NAG C . -4.06 -19.79 -14.46
O7 NAG C . 1.35 -16.59 -12.54
C1 XYP C . -0.49 -8.94 -21.76
C2 XYP C . -0.11 -7.80 -20.83
C3 XYP C . -0.68 -6.49 -21.37
C4 XYP C . -0.23 -6.30 -22.82
C5 XYP C . -0.61 -7.53 -23.65
O2 XYP C . -0.58 -8.02 -19.51
O3 XYP C . -0.27 -5.39 -20.59
O4 XYP C . -0.82 -5.14 -23.37
O5 XYP C . -0.05 -8.69 -23.03
C1 FUC C . -8.43 -15.05 -18.09
C2 FUC C . -8.56 -16.04 -19.26
C3 FUC C . -7.27 -16.06 -20.09
C4 FUC C . -6.04 -16.27 -19.18
C5 FUC C . -6.06 -15.21 -18.08
C6 FUC C . -4.82 -15.27 -17.18
O2 FUC C . -9.65 -15.70 -20.08
O3 FUC C . -7.32 -17.08 -21.06
O4 FUC C . -6.08 -17.57 -18.62
O5 FUC C . -7.26 -15.34 -17.32
C1 NAG D . -17.63 -16.95 20.20
C2 NAG D . -17.21 -16.23 21.50
C3 NAG D . -17.90 -14.88 21.71
C4 NAG D . -17.93 -14.05 20.41
C5 NAG D . -18.37 -14.91 19.23
C6 NAG D . -18.33 -14.16 17.90
C7 NAG D . -16.47 -17.51 23.43
C8 NAG D . -16.76 -18.64 24.37
N2 NAG D . -17.46 -17.10 22.65
O3 NAG D . -17.23 -14.10 22.68
O4 NAG D . -18.79 -12.95 20.60
O5 NAG D . -17.52 -16.05 19.11
O6 NAG D . -17.02 -13.66 17.67
O7 NAG D . -15.34 -17.00 23.41
C1 NAG D . -18.14 -11.71 20.23
C2 NAG D . -19.19 -10.61 20.02
C3 NAG D . -18.51 -9.32 19.57
C4 NAG D . -17.37 -8.92 20.51
C5 NAG D . -16.44 -10.12 20.78
C6 NAG D . -15.43 -9.80 21.90
C7 NAG D . -21.39 -11.56 19.38
C8 NAG D . -22.30 -11.91 18.26
N2 NAG D . -20.21 -11.02 19.05
O3 NAG D . -19.46 -8.28 19.51
O4 NAG D . -16.67 -7.85 19.93
O5 NAG D . -17.15 -11.28 21.16
O6 NAG D . -14.37 -10.74 21.83
O7 NAG D . -21.75 -11.76 20.55
C1 BMA D . -16.61 -6.71 20.81
C2 BMA D . -15.39 -5.86 20.45
C3 BMA D . -15.30 -4.64 21.39
C4 BMA D . -16.63 -3.88 21.44
C5 BMA D . -17.79 -4.84 21.71
C6 BMA D . -19.14 -4.11 21.68
O2 BMA D . -15.54 -5.42 19.11
O3 BMA D . -14.26 -3.78 20.98
O4 BMA D . -16.56 -2.87 22.42
O5 BMA D . -17.79 -5.91 20.78
O6 BMA D . -19.58 -3.96 20.34
C1 XYP D . -14.46 -5.90 18.29
C2 XYP D . -14.99 -6.04 16.88
C3 XYP D . -13.86 -6.45 15.92
C4 XYP D . -12.67 -5.53 16.13
C5 XYP D . -12.25 -5.51 17.60
O2 XYP D . -16.03 -7.00 16.82
O3 XYP D . -14.33 -6.35 14.59
O4 XYP D . -11.58 -5.99 15.33
O5 XYP D . -13.37 -5.09 18.35
C1 FUC D . -17.91 -14.06 23.96
C2 FUC D . -16.96 -13.49 25.01
C3 FUC D . -16.78 -11.98 24.80
C4 FUC D . -18.10 -11.23 24.66
C5 FUC D . -19.04 -11.97 23.70
C6 FUC D . -20.43 -11.35 23.62
O2 FUC D . -15.71 -14.13 24.93
O3 FUC D . -16.03 -11.44 25.88
O4 FUC D . -18.69 -11.11 25.93
O5 FUC D . -19.14 -13.35 24.00
C1 PGE E . 6.94 0.85 -11.81
C1 PGE E . 7.13 0.41 -11.56
O1 PGE E . 6.60 1.64 -12.95
O1 PGE E . 6.78 1.78 -11.42
C2 PGE E . 8.21 0.06 -12.07
C2 PGE E . 8.18 0.24 -12.66
O2 PGE E . 9.28 0.62 -11.31
O2 PGE E . 9.45 0.01 -12.06
C3 PGE E . 10.30 1.16 -12.15
C4 PGE E . 11.68 0.87 -11.57
O4 PGE E . 12.88 -3.55 -12.41
C6 PGE E . 13.10 -2.24 -12.92
C5 PGE E . 12.81 -1.20 -11.84
O3 PGE E . 12.38 0.00 -12.45
C1 PGE F . 1.42 29.31 3.94
O1 PGE F . 1.39 30.75 3.97
C2 PGE F . 2.50 28.78 4.89
O2 PGE F . 2.43 29.42 6.16
C3 PGE F . 3.35 28.85 7.08
C4 PGE F . 2.63 28.58 8.41
O4 PGE F . 4.54 27.68 12.47
C6 PGE F . 4.05 26.91 11.37
C5 PGE F . 3.06 27.73 10.56
O3 PGE F . 3.36 27.61 9.18
C1 EDO G . -1.93 30.22 6.47
O1 EDO G . -2.06 29.25 7.51
C2 EDO G . -3.24 30.37 5.72
O2 EDO G . -3.28 29.45 4.63
C1 EDO H . 6.85 -6.51 -13.18
O1 EDO H . 6.56 -6.29 -11.81
C2 EDO H . 6.61 -5.22 -13.93
O2 EDO H . 5.86 -5.51 -15.11
C1 PEG I . 0.97 4.11 -19.48
O1 PEG I . 1.50 3.11 -18.61
C2 PEG I . 0.10 5.08 -18.69
O2 PEG I . -1.18 4.49 -18.45
C3 PEG I . -2.22 5.29 -19.01
C4 PEG I . -3.53 4.97 -18.31
O4 PEG I . -4.18 3.91 -19.02
C1 PEG J . -0.01 -41.62 0.37
O1 PEG J . -0.40 -41.64 1.75
C2 PEG J . -0.68 -40.47 -0.38
O2 PEG J . -2.05 -40.76 -0.67
C3 PEG J . -2.45 -40.15 -1.88
C4 PEG J . -3.92 -40.44 -2.15
O4 PEG J . -4.06 -41.63 -2.95
O1 PG4 K . 16.35 28.74 20.26
C1 PG4 K . 15.16 29.39 19.83
C2 PG4 K . 15.53 30.73 19.18
O2 PG4 K . 14.62 31.03 18.12
C3 PG4 K . 15.27 31.14 16.85
C4 PG4 K . 15.65 32.58 16.51
O3 PG4 K . 17.06 32.65 16.31
C5 PG4 K . 17.51 33.99 16.12
C6 PG4 K . 19.04 34.01 15.97
O4 PG4 K . 19.65 33.42 17.11
C7 PG4 K . 20.77 32.63 16.75
C8 PG4 K . 21.76 32.55 17.91
O5 PG4 K . 21.23 31.73 18.97
O1 PG4 L . 10.35 -20.17 8.98
C1 PG4 L . 9.51 -20.71 9.99
C2 PG4 L . 8.21 -21.24 9.38
O2 PG4 L . 7.75 -22.41 10.09
C3 PG4 L . 6.41 -22.75 9.78
C4 PG4 L . 6.34 -23.68 8.57
O3 PG4 L . 7.24 -24.76 8.71
C5 PG4 L . 6.69 -26.00 8.27
C5 PG4 L . 6.75 -25.94 8.06
C6 PG4 L . 7.79 -27.06 8.29
C6 PG4 L . 7.60 -27.12 8.49
O4 PG4 L . 7.60 -27.97 9.37
O4 PG4 L . 6.77 -28.26 8.71
C7 PG4 L . 7.48 -29.32 8.93
C7 PG4 L . 7.31 -29.13 9.69
C8 PG4 L . 8.75 -30.09 9.27
C8 PG4 L . 7.76 -30.42 9.02
O5 PG4 L . 9.86 -29.59 8.52
O5 PG4 L . 6.61 -31.10 8.52
#